data_8XW3
#
_entry.id   8XW3
#
_cell.length_a   1.00
_cell.length_b   1.00
_cell.length_c   1.00
_cell.angle_alpha   90.00
_cell.angle_beta   90.00
_cell.angle_gamma   90.00
#
_symmetry.space_group_name_H-M   'P 1'
#
_entity_poly.entity_id   1
_entity_poly.type   'polypeptide(L)'
_entity_poly.pdbx_seq_one_letter_code
;MATLQDIGVSAGINILSAFVFFIIFAVLRLQPFNDRVYFSKWYLKGLRSSPARGGAFAQRFVNLDFRSYMKFLNWMPEAL
KMPEPELIDHAGLDSVVYLRIYWLGLKIFTPIAVLAWAVLVPVNWTNNTLEMAKQLRNVTSSDIDKLSVSNIPEYSMRFW
THIVMAYAFTIWTCYVLMKEYETIANMRLQFVASEARRPDQFTVLVRNVPPDADESVSELVEHFFLVNHPDHYLTHQVVC
NANKLADLVKKKKKLQNWLDYYQLKYARNNSQRIMVKLGFLGLWGQKVDAIEHYIAEIDKISKEISKEREEVVNDPKAIM
PAAFVSFKTRWAAAVCAQTQQTRNPTQWLTEWAPEPRDVFWSNLAIPYVSLTVRRLIMHVAFFFLTFFFIVPIAFVQSLA
TIEGIVKAAPFLKFIVDDKFMKSVIQGFLPGIALKLFLAFLPSILMIMSKFEGFTSISSLERRAAFRYYIFNLVNVFLAS
VIAGAAFEQLNSFLNQSANQIPKTIGVAIPMKATFFITYIMVDGWAGVAGEILMLKPLIMFHLKNAFLVKTDKDREEAMD
PGSIGFNTGEPRIQLYFLLGLVYAPVTPMLLPFILVFFALAYIVYRHQIINVYNQEYESAAAFWPDVHGRVIAALVISQL
LLMGLLGTKHAALAAPFLIALPVLTIGFHHFCKGRYEPAFIRYPLQEAMMKDTLETAREPNLNLKGYLQNAYVHPVFKGD
EDDYDIDDKLGKFEDEAIIVPTKRQSRRNTPAPSIISGDDSPSLPFSGKLVSNSLEV
;
_entity_poly.pdbx_strand_id   A,B
#
# COMPACT_ATOMS: atom_id res chain seq x y z
N THR A 3 -2.72 -31.16 -34.66
CA THR A 3 -2.16 -31.40 -35.99
C THR A 3 -0.65 -31.58 -35.91
N LEU A 4 -0.22 -32.81 -35.62
CA LEU A 4 1.20 -33.08 -35.44
C LEU A 4 1.99 -32.78 -36.70
N GLN A 5 1.42 -33.09 -37.86
CA GLN A 5 2.13 -32.82 -39.11
C GLN A 5 2.32 -31.33 -39.34
N ASP A 6 1.30 -30.53 -39.03
CA ASP A 6 1.43 -29.08 -39.19
C ASP A 6 2.46 -28.52 -38.21
N ILE A 7 2.45 -29.01 -36.97
CA ILE A 7 3.45 -28.59 -36.01
C ILE A 7 4.85 -28.94 -36.51
N GLY A 8 5.01 -30.15 -37.05
CA GLY A 8 6.31 -30.56 -37.54
C GLY A 8 6.79 -29.72 -38.70
N VAL A 9 5.92 -29.44 -39.66
CA VAL A 9 6.34 -28.66 -40.83
C VAL A 9 6.62 -27.22 -40.42
N SER A 10 5.84 -26.66 -39.50
CA SER A 10 6.12 -25.32 -39.01
C SER A 10 7.47 -25.26 -38.30
N ALA A 11 7.74 -26.24 -37.44
CA ALA A 11 9.03 -26.28 -36.76
C ALA A 11 10.17 -26.41 -37.76
N GLY A 12 9.99 -27.28 -38.77
CA GLY A 12 11.03 -27.44 -39.77
C GLY A 12 11.30 -26.17 -40.55
N ILE A 13 10.24 -25.51 -41.02
CA ILE A 13 10.43 -24.31 -41.82
C ILE A 13 11.05 -23.20 -40.98
N ASN A 14 10.66 -23.12 -39.71
CA ASN A 14 11.27 -22.10 -38.84
C ASN A 14 12.73 -22.42 -38.55
N ILE A 15 13.08 -23.71 -38.45
CA ILE A 15 14.47 -24.08 -38.28
C ILE A 15 15.28 -23.68 -39.51
N LEU A 16 14.74 -23.92 -40.71
CA LEU A 16 15.43 -23.48 -41.91
C LEU A 16 15.57 -21.97 -41.94
N SER A 17 14.53 -21.25 -41.56
CA SER A 17 14.61 -19.79 -41.54
C SER A 17 15.68 -19.30 -40.57
N ALA A 18 15.72 -19.89 -39.37
CA ALA A 18 16.74 -19.50 -38.40
C ALA A 18 18.14 -19.81 -38.91
N PHE A 19 18.33 -20.98 -39.51
CA PHE A 19 19.65 -21.34 -40.00
C PHE A 19 20.08 -20.41 -41.12
N VAL A 20 19.14 -20.05 -42.01
CA VAL A 20 19.45 -19.09 -43.07
C VAL A 20 19.81 -17.74 -42.46
N PHE A 21 19.07 -17.31 -41.44
CA PHE A 21 19.37 -16.04 -40.78
C PHE A 21 20.77 -16.05 -40.20
N PHE A 22 21.15 -17.15 -39.55
CA PHE A 22 22.47 -17.24 -38.96
C PHE A 22 23.55 -17.25 -40.05
N ILE A 23 23.29 -17.91 -41.17
CA ILE A 23 24.25 -17.90 -42.28
C ILE A 23 24.44 -16.47 -42.79
N ILE A 24 23.34 -15.75 -42.98
CA ILE A 24 23.44 -14.38 -43.46
C ILE A 24 24.18 -13.51 -42.46
N PHE A 25 23.91 -13.73 -41.17
CA PHE A 25 24.62 -12.98 -40.13
C PHE A 25 26.11 -13.27 -40.19
N ALA A 26 26.49 -14.53 -40.38
CA ALA A 26 27.90 -14.88 -40.47
C ALA A 26 28.55 -14.22 -41.68
N VAL A 27 27.84 -14.20 -42.81
CA VAL A 27 28.39 -13.57 -44.01
C VAL A 27 28.60 -12.08 -43.77
N LEU A 28 27.62 -11.42 -43.15
CA LEU A 28 27.71 -9.98 -42.96
C LEU A 28 28.76 -9.61 -41.92
N ARG A 29 28.89 -10.42 -40.87
CA ARG A 29 29.80 -10.06 -39.78
C ARG A 29 31.24 -10.04 -40.22
N LEU A 30 31.65 -10.99 -41.06
CA LEU A 30 33.03 -11.01 -41.54
C LEU A 30 33.33 -9.93 -42.56
N GLN A 31 32.30 -9.33 -43.16
CA GLN A 31 32.53 -8.21 -44.05
C GLN A 31 32.93 -6.98 -43.24
N PRO A 32 33.83 -6.16 -43.76
CA PRO A 32 34.45 -5.13 -42.92
C PRO A 32 33.67 -3.81 -42.85
N PHE A 33 32.90 -3.49 -43.87
CA PHE A 33 32.30 -2.16 -43.94
C PHE A 33 31.00 -2.04 -43.14
N ASN A 34 30.42 -3.14 -42.69
CA ASN A 34 29.28 -3.08 -41.78
C ASN A 34 29.70 -3.35 -40.35
N ASP A 35 31.01 -3.31 -40.08
CA ASP A 35 31.50 -3.40 -38.71
C ASP A 35 30.93 -2.27 -37.85
N ARG A 36 30.75 -1.10 -38.46
CA ARG A 36 30.18 0.04 -37.76
C ARG A 36 28.83 -0.28 -37.13
N VAL A 37 28.00 -1.06 -37.80
CA VAL A 37 26.66 -1.33 -37.28
C VAL A 37 26.61 -2.64 -36.51
N TYR A 38 27.47 -3.61 -36.87
CA TYR A 38 27.44 -4.87 -36.15
C TYR A 38 28.30 -4.85 -34.89
N PHE A 39 29.03 -3.77 -34.65
CA PHE A 39 29.82 -3.57 -33.44
C PHE A 39 29.61 -2.16 -32.92
N SER A 40 28.34 -1.77 -32.77
CA SER A 40 28.05 -0.43 -32.29
C SER A 40 28.67 -0.17 -30.93
N LYS A 41 28.56 -1.13 -30.01
CA LYS A 41 29.40 -1.06 -28.83
C LYS A 41 30.81 -1.54 -29.18
N TRP A 42 31.76 -1.23 -28.29
CA TRP A 42 33.20 -1.27 -28.56
C TRP A 42 33.57 -0.12 -29.49
N TYR A 43 32.57 0.63 -29.94
CA TYR A 43 32.78 1.83 -30.72
C TYR A 43 32.30 3.08 -30.01
N LEU A 44 31.11 3.05 -29.43
CA LEU A 44 30.66 4.12 -28.56
C LEU A 44 31.49 4.19 -27.29
N LYS A 45 32.14 3.10 -26.91
CA LYS A 45 33.03 3.06 -25.77
C LYS A 45 34.47 3.38 -26.15
N GLY A 46 34.76 3.51 -27.44
CA GLY A 46 36.09 3.87 -27.89
C GLY A 46 37.12 2.77 -27.77
N LEU A 47 36.86 1.60 -28.34
CA LEU A 47 37.76 0.46 -28.24
C LEU A 47 38.24 -0.09 -29.57
N ARG A 48 37.49 0.09 -30.66
CA ARG A 48 37.82 -0.54 -31.92
C ARG A 48 37.68 0.47 -33.05
N SER A 49 38.39 0.19 -34.15
CA SER A 49 38.33 1.02 -35.34
C SER A 49 38.46 0.13 -36.57
N SER A 50 38.11 0.69 -37.72
CA SER A 50 38.21 0.00 -39.01
C SER A 50 37.53 -1.35 -39.01
N LYS A 71 32.76 -23.28 -37.95
CA LYS A 71 33.42 -22.34 -38.85
C LYS A 71 32.91 -20.91 -38.61
N PHE A 72 31.59 -20.79 -38.47
CA PHE A 72 30.92 -19.51 -38.41
C PHE A 72 30.18 -19.29 -37.10
N LEU A 73 29.65 -20.35 -36.51
CA LEU A 73 28.71 -20.25 -35.40
C LEU A 73 29.46 -20.25 -34.07
N ASN A 74 30.77 -20.04 -34.11
CA ASN A 74 31.56 -19.95 -32.89
C ASN A 74 31.21 -18.74 -32.04
N TRP A 75 30.46 -17.78 -32.59
CA TRP A 75 30.02 -16.65 -31.79
C TRP A 75 29.12 -17.08 -30.64
N MET A 76 28.36 -18.15 -30.83
CA MET A 76 27.51 -18.62 -29.72
C MET A 76 28.32 -19.00 -28.49
N PRO A 77 29.34 -19.86 -28.57
CA PRO A 77 30.16 -20.08 -27.37
C PRO A 77 31.07 -18.92 -27.02
N GLU A 78 31.42 -18.07 -27.98
CA GLU A 78 32.20 -16.88 -27.63
C GLU A 78 31.38 -15.93 -26.76
N ALA A 79 30.05 -15.96 -26.90
CA ALA A 79 29.20 -15.07 -26.12
C ALA A 79 29.17 -15.43 -24.64
N LEU A 80 29.45 -16.67 -24.27
CA LEU A 80 29.37 -17.07 -22.87
C LEU A 80 30.52 -16.54 -22.03
N LYS A 81 31.56 -16.01 -22.64
CA LYS A 81 32.70 -15.50 -21.88
C LYS A 81 32.30 -14.18 -21.22
N MET A 82 33.27 -13.52 -20.59
CA MET A 82 33.08 -12.18 -20.02
C MET A 82 31.97 -12.26 -18.97
N PRO A 83 32.25 -12.84 -17.80
CA PRO A 83 31.20 -13.13 -16.82
C PRO A 83 30.54 -11.88 -16.26
N GLU A 84 29.68 -12.11 -15.28
CA GLU A 84 28.74 -11.09 -14.80
C GLU A 84 29.37 -9.77 -14.39
N PRO A 85 30.47 -9.71 -13.64
CA PRO A 85 30.99 -8.37 -13.26
C PRO A 85 31.44 -7.56 -14.47
N GLU A 86 32.22 -8.17 -15.36
CA GLU A 86 32.64 -7.46 -16.57
C GLU A 86 31.44 -7.08 -17.42
N LEU A 87 30.46 -7.98 -17.53
CA LEU A 87 29.26 -7.66 -18.30
C LEU A 87 28.52 -6.48 -17.70
N ILE A 88 28.39 -6.45 -16.38
CA ILE A 88 27.71 -5.35 -15.71
C ILE A 88 28.42 -4.04 -16.01
N ASP A 89 29.73 -3.99 -15.77
CA ASP A 89 30.46 -2.75 -15.98
C ASP A 89 30.48 -2.35 -17.45
N HIS A 90 30.41 -3.32 -18.36
CA HIS A 90 30.45 -3.03 -19.78
C HIS A 90 29.12 -2.46 -20.27
N ALA A 91 28.01 -3.04 -19.84
CA ALA A 91 26.70 -2.71 -20.40
C ALA A 91 25.83 -1.89 -19.46
N GLY A 92 25.59 -2.37 -18.25
CA GLY A 92 24.60 -1.78 -17.37
C GLY A 92 23.81 -2.84 -16.64
N LEU A 93 23.43 -2.54 -15.41
CA LEU A 93 22.71 -3.53 -14.61
C LEU A 93 21.30 -3.74 -15.14
N ASP A 94 20.70 -2.73 -15.77
CA ASP A 94 19.42 -2.96 -16.45
C ASP A 94 19.57 -4.03 -17.51
N SER A 95 20.60 -3.92 -18.34
CA SER A 95 20.82 -4.93 -19.37
C SER A 95 21.06 -6.29 -18.75
N VAL A 96 21.88 -6.35 -17.70
CA VAL A 96 22.22 -7.64 -17.12
C VAL A 96 20.99 -8.30 -16.51
N VAL A 97 20.15 -7.53 -15.79
CA VAL A 97 18.95 -8.09 -15.20
C VAL A 97 17.96 -8.53 -16.27
N TYR A 98 17.80 -7.72 -17.31
CA TYR A 98 16.90 -8.10 -18.40
C TYR A 98 17.38 -9.40 -19.04
N LEU A 99 18.69 -9.56 -19.18
CA LEU A 99 19.23 -10.83 -19.66
C LEU A 99 18.92 -11.96 -18.69
N ARG A 100 19.07 -11.71 -17.40
CA ARG A 100 18.80 -12.74 -16.39
C ARG A 100 17.33 -13.15 -16.36
N ILE A 101 16.44 -12.33 -16.93
CA ILE A 101 15.04 -12.74 -16.97
C ILE A 101 14.88 -14.05 -17.74
N TYR A 102 15.59 -14.19 -18.85
CA TYR A 102 15.54 -15.44 -19.61
C TYR A 102 16.10 -16.61 -18.80
N TRP A 103 17.19 -16.38 -18.07
CA TRP A 103 17.74 -17.43 -17.21
C TRP A 103 16.73 -17.83 -16.16
N LEU A 104 16.01 -16.85 -15.61
CA LEU A 104 14.93 -17.15 -14.67
C LEU A 104 13.87 -18.01 -15.32
N GLY A 105 13.53 -17.70 -16.57
CA GLY A 105 12.57 -18.52 -17.28
C GLY A 105 13.04 -19.96 -17.42
N LEU A 106 14.31 -20.14 -17.75
CA LEU A 106 14.87 -21.49 -17.84
C LEU A 106 14.78 -22.21 -16.50
N LYS A 107 15.14 -21.50 -15.42
CA LYS A 107 15.11 -22.12 -14.10
C LYS A 107 13.70 -22.52 -13.70
N ILE A 108 12.71 -21.71 -14.07
CA ILE A 108 11.34 -22.04 -13.71
C ILE A 108 10.84 -23.22 -14.53
N PHE A 109 11.09 -23.22 -15.83
CA PHE A 109 10.41 -24.14 -16.73
C PHE A 109 11.22 -25.37 -17.12
N THR A 110 12.44 -25.53 -16.63
CA THR A 110 13.10 -26.80 -16.93
C THR A 110 12.53 -27.92 -16.06
N PRO A 111 12.60 -27.83 -14.73
CA PRO A 111 12.06 -28.93 -13.92
C PRO A 111 10.58 -29.11 -14.09
N ILE A 112 9.82 -28.02 -14.27
CA ILE A 112 8.39 -28.16 -14.52
C ILE A 112 8.15 -28.99 -15.76
N ALA A 113 8.88 -28.68 -16.83
CA ALA A 113 8.69 -29.42 -18.07
C ALA A 113 9.06 -30.89 -17.91
N VAL A 114 10.22 -31.18 -17.32
CA VAL A 114 10.66 -32.57 -17.24
C VAL A 114 9.72 -33.36 -16.35
N LEU A 115 9.30 -32.78 -15.24
CA LEU A 115 8.40 -33.49 -14.33
C LEU A 115 7.03 -33.70 -14.96
N ALA A 116 6.53 -32.70 -15.68
CA ALA A 116 5.23 -32.85 -16.33
C ALA A 116 5.28 -33.93 -17.39
N TRP A 117 6.34 -33.96 -18.18
CA TRP A 117 6.47 -35.01 -19.19
C TRP A 117 6.57 -36.38 -18.52
N ALA A 118 7.32 -36.47 -17.42
CA ALA A 118 7.49 -37.74 -16.74
C ALA A 118 6.18 -38.24 -16.14
N VAL A 119 5.33 -37.32 -15.66
CA VAL A 119 4.09 -37.73 -15.01
C VAL A 119 2.96 -37.92 -16.01
N LEU A 120 3.07 -37.38 -17.22
CA LEU A 120 2.07 -37.62 -18.24
C LEU A 120 2.40 -38.78 -19.18
N VAL A 121 3.67 -39.13 -19.34
CA VAL A 121 4.08 -40.28 -20.15
C VAL A 121 4.62 -41.35 -19.21
N PRO A 122 4.07 -42.57 -19.22
CA PRO A 122 4.51 -43.63 -18.30
C PRO A 122 5.91 -44.16 -18.64
N SER A 156 -10.60 -40.93 -11.83
CA SER A 156 -10.57 -39.73 -11.00
C SER A 156 -9.15 -39.43 -10.55
N MET A 157 -8.26 -40.41 -10.70
CA MET A 157 -6.86 -40.20 -10.34
C MET A 157 -6.23 -39.11 -11.20
N ARG A 158 -6.73 -38.92 -12.42
CA ARG A 158 -6.23 -37.85 -13.28
C ARG A 158 -6.38 -36.50 -12.61
N PHE A 159 -7.55 -36.24 -12.01
CA PHE A 159 -7.82 -34.94 -11.43
C PHE A 159 -6.89 -34.64 -10.27
N TRP A 160 -6.80 -35.57 -9.31
CA TRP A 160 -5.93 -35.35 -8.15
C TRP A 160 -4.47 -35.29 -8.58
N THR A 161 -4.09 -36.08 -9.58
CA THR A 161 -2.73 -35.98 -10.10
C THR A 161 -2.45 -34.57 -10.60
N HIS A 162 -3.36 -34.02 -11.38
CA HIS A 162 -3.19 -32.65 -11.87
C HIS A 162 -3.13 -31.65 -10.72
N ILE A 163 -3.94 -31.87 -9.68
CA ILE A 163 -3.97 -30.94 -8.56
C ILE A 163 -2.61 -30.93 -7.86
N VAL A 164 -2.07 -32.11 -7.59
CA VAL A 164 -0.77 -32.19 -6.92
C VAL A 164 0.31 -31.61 -7.81
N MET A 165 0.20 -31.81 -9.12
CA MET A 165 1.19 -31.23 -10.03
C MET A 165 1.13 -29.72 -9.99
N ALA A 166 -0.08 -29.15 -9.92
CA ALA A 166 -0.22 -27.71 -9.81
C ALA A 166 0.40 -27.19 -8.52
N TYR A 167 0.18 -27.92 -7.42
CA TYR A 167 0.80 -27.54 -6.16
C TYR A 167 2.32 -27.51 -6.29
N ALA A 168 2.89 -28.56 -6.89
CA ALA A 168 4.34 -28.61 -7.05
C ALA A 168 4.84 -27.48 -7.92
N PHE A 169 4.15 -27.20 -9.03
CA PHE A 169 4.58 -26.14 -9.93
C PHE A 169 4.54 -24.78 -9.24
N THR A 170 3.46 -24.50 -8.51
CA THR A 170 3.36 -23.23 -7.82
C THR A 170 4.45 -23.09 -6.77
N ILE A 171 4.72 -24.15 -6.01
CA ILE A 171 5.76 -24.08 -4.99
C ILE A 171 7.11 -23.81 -5.63
N TRP A 172 7.43 -24.52 -6.70
CA TRP A 172 8.72 -24.33 -7.33
C TRP A 172 8.86 -22.93 -7.92
N THR A 173 7.81 -22.44 -8.58
CA THR A 173 7.89 -21.09 -9.14
C THR A 173 8.06 -20.06 -8.05
N CYS A 174 7.35 -20.21 -6.93
CA CYS A 174 7.50 -19.24 -5.85
C CYS A 174 8.92 -19.28 -5.28
N TYR A 175 9.48 -20.47 -5.08
CA TYR A 175 10.82 -20.54 -4.52
C TYR A 175 11.83 -19.89 -5.46
N VAL A 176 11.73 -20.18 -6.75
CA VAL A 176 12.67 -19.60 -7.71
C VAL A 176 12.52 -18.09 -7.75
N LEU A 177 11.27 -17.60 -7.75
CA LEU A 177 11.05 -16.16 -7.75
C LEU A 177 11.66 -15.51 -6.52
N MET A 178 11.49 -16.13 -5.35
CA MET A 178 12.03 -15.56 -4.13
C MET A 178 13.54 -15.48 -4.19
N LYS A 179 14.20 -16.56 -4.61
CA LYS A 179 15.65 -16.57 -4.65
C LYS A 179 16.18 -15.53 -5.65
N GLU A 180 15.57 -15.48 -6.84
CA GLU A 180 16.01 -14.51 -7.83
C GLU A 180 15.75 -13.09 -7.38
N TYR A 181 14.63 -12.85 -6.70
CA TYR A 181 14.34 -11.54 -6.16
C TYR A 181 15.41 -11.10 -5.19
N GLU A 182 15.80 -11.97 -4.27
CA GLU A 182 16.84 -11.63 -3.31
C GLU A 182 18.16 -11.35 -4.02
N THR A 183 18.50 -12.18 -5.01
CA THR A 183 19.75 -11.98 -5.72
C THR A 183 19.76 -10.64 -6.44
N ILE A 184 18.66 -10.29 -7.09
CA ILE A 184 18.56 -9.02 -7.80
C ILE A 184 18.66 -7.85 -6.83
N ALA A 185 18.01 -7.96 -5.67
CA ALA A 185 18.11 -6.89 -4.69
C ALA A 185 19.55 -6.69 -4.23
N ASN A 186 20.26 -7.78 -3.97
CA ASN A 186 21.66 -7.66 -3.58
C ASN A 186 22.49 -7.03 -4.68
N MET A 187 22.26 -7.45 -5.93
CA MET A 187 23.02 -6.87 -7.03
C MET A 187 22.76 -5.39 -7.18
N ARG A 188 21.49 -4.97 -7.04
CA ARG A 188 21.16 -3.56 -7.15
C ARG A 188 21.83 -2.75 -6.04
N LEU A 189 21.77 -3.24 -4.81
CA LEU A 189 22.38 -2.50 -3.72
C LEU A 189 23.89 -2.38 -3.92
N GLN A 190 24.53 -3.48 -4.34
CA GLN A 190 25.97 -3.44 -4.58
C GLN A 190 26.31 -2.45 -5.69
N PHE A 191 25.55 -2.47 -6.78
CA PHE A 191 25.84 -1.57 -7.90
C PHE A 191 25.63 -0.12 -7.51
N VAL A 192 24.55 0.17 -6.80
CA VAL A 192 24.31 1.54 -6.37
C VAL A 192 25.42 2.02 -5.45
N ALA A 193 25.88 1.14 -4.56
CA ALA A 193 26.99 1.52 -3.69
C ALA A 193 28.26 1.80 -4.49
N SER A 194 28.53 0.98 -5.50
CA SER A 194 29.78 1.12 -6.25
C SER A 194 29.71 2.15 -7.38
N GLU A 195 28.53 2.71 -7.64
CA GLU A 195 28.34 3.55 -8.82
C GLU A 195 29.15 4.83 -8.72
N ALA A 196 29.61 5.31 -9.88
CA ALA A 196 30.33 6.57 -9.94
C ALA A 196 29.37 7.74 -9.72
N ARG A 197 29.94 8.93 -9.61
CA ARG A 197 29.15 10.12 -9.34
C ARG A 197 28.25 10.46 -10.53
N ARG A 198 26.98 10.71 -10.25
CA ARG A 198 26.03 11.20 -11.23
C ARG A 198 25.20 12.31 -10.62
N PRO A 199 24.79 13.31 -11.42
CA PRO A 199 23.99 14.41 -10.86
C PRO A 199 22.63 13.98 -10.34
N ASP A 200 22.12 12.82 -10.73
CA ASP A 200 20.82 12.39 -10.26
C ASP A 200 20.85 11.88 -8.82
N GLN A 201 22.03 11.61 -8.27
CA GLN A 201 22.11 11.18 -6.88
C GLN A 201 21.98 12.33 -5.90
N PHE A 202 22.11 13.57 -6.35
CA PHE A 202 21.99 14.72 -5.48
C PHE A 202 20.77 15.58 -5.77
N THR A 203 19.97 15.23 -6.76
CA THR A 203 18.94 16.11 -7.30
C THR A 203 17.57 15.51 -7.11
N VAL A 204 16.58 16.36 -6.84
CA VAL A 204 15.22 15.95 -6.56
C VAL A 204 14.26 16.81 -7.37
N LEU A 205 13.29 16.17 -8.01
CA LEU A 205 12.30 16.85 -8.83
C LEU A 205 11.11 17.25 -7.97
N VAL A 206 10.90 18.55 -7.81
CA VAL A 206 9.78 19.08 -7.06
C VAL A 206 8.67 19.41 -8.04
N ARG A 207 7.49 18.82 -7.83
CA ARG A 207 6.35 19.04 -8.70
C ARG A 207 5.30 19.89 -8.00
N ASN A 208 4.55 20.66 -8.79
CA ASN A 208 3.36 21.35 -8.33
C ASN A 208 3.67 22.33 -7.19
N VAL A 209 4.59 23.23 -7.46
CA VAL A 209 4.85 24.32 -6.52
C VAL A 209 3.62 25.21 -6.50
N PRO A 210 3.09 25.54 -5.33
CA PRO A 210 1.88 26.36 -5.27
C PRO A 210 2.13 27.74 -5.83
N PRO A 211 1.23 28.26 -6.66
CA PRO A 211 1.46 29.56 -7.27
C PRO A 211 1.36 30.67 -6.24
N ASP A 212 2.06 31.76 -6.53
CA ASP A 212 2.01 32.96 -5.70
C ASP A 212 1.80 34.17 -6.59
N ALA A 213 1.14 35.19 -6.03
CA ALA A 213 0.85 36.39 -6.80
C ALA A 213 2.13 37.15 -7.12
N ASP A 214 3.03 37.28 -6.16
CA ASP A 214 4.20 38.14 -6.32
C ASP A 214 5.51 37.38 -6.42
N GLU A 215 5.61 36.20 -5.81
CA GLU A 215 6.86 35.45 -5.80
C GLU A 215 6.97 34.59 -7.04
N SER A 216 8.15 34.62 -7.68
CA SER A 216 8.40 33.74 -8.80
C SER A 216 8.62 32.31 -8.29
N VAL A 217 8.59 31.36 -9.22
CA VAL A 217 8.79 29.96 -8.83
C VAL A 217 10.18 29.77 -8.25
N SER A 218 11.18 30.40 -8.85
CA SER A 218 12.55 30.28 -8.33
C SER A 218 12.66 30.85 -6.92
N GLU A 219 12.07 32.02 -6.70
CA GLU A 219 12.10 32.61 -5.37
C GLU A 219 11.40 31.73 -4.35
N LEU A 220 10.24 31.19 -4.72
CA LEU A 220 9.49 30.32 -3.81
C LEU A 220 10.31 29.09 -3.44
N VAL A 221 10.89 28.44 -4.45
CA VAL A 221 11.66 27.23 -4.17
C VAL A 221 12.85 27.55 -3.28
N GLU A 222 13.58 28.63 -3.60
CA GLU A 222 14.75 28.98 -2.80
C GLU A 222 14.37 29.25 -1.36
N HIS A 223 13.33 30.06 -1.15
CA HIS A 223 12.92 30.38 0.21
C HIS A 223 12.47 29.13 0.97
N PHE A 224 11.61 28.33 0.34
CA PHE A 224 11.08 27.15 1.01
C PHE A 224 12.18 26.18 1.39
N PHE A 225 13.10 25.90 0.47
CA PHE A 225 14.12 24.92 0.78
C PHE A 225 15.19 25.46 1.73
N LEU A 226 15.47 26.76 1.69
CA LEU A 226 16.34 27.33 2.71
C LEU A 226 15.72 27.22 4.08
N VAL A 227 14.41 27.41 4.19
CA VAL A 227 13.75 27.29 5.49
C VAL A 227 13.74 25.84 5.96
N ASN A 228 13.42 24.91 5.07
CA ASN A 228 13.13 23.55 5.50
C ASN A 228 14.33 22.63 5.54
N HIS A 229 15.35 22.84 4.70
CA HIS A 229 16.49 21.94 4.62
C HIS A 229 17.77 22.75 4.75
N PRO A 230 18.02 23.34 5.91
CA PRO A 230 19.19 24.19 6.07
C PRO A 230 20.47 23.37 6.04
N ASP A 231 21.56 24.03 5.68
CA ASP A 231 22.89 23.46 5.68
C ASP A 231 23.07 22.33 4.67
N HIS A 232 22.05 22.04 3.86
CA HIS A 232 22.18 20.96 2.89
C HIS A 232 21.71 21.35 1.50
N TYR A 233 20.81 22.31 1.39
CA TYR A 233 20.38 22.78 0.08
C TYR A 233 21.53 23.53 -0.58
N LEU A 234 21.79 23.21 -1.85
CA LEU A 234 22.95 23.74 -2.55
C LEU A 234 22.56 24.66 -3.69
N THR A 235 21.74 24.19 -4.63
CA THR A 235 21.30 25.00 -5.75
C THR A 235 20.03 24.38 -6.32
N HIS A 236 19.38 25.14 -7.20
CA HIS A 236 18.14 24.69 -7.80
C HIS A 236 18.07 25.20 -9.24
N GLN A 237 17.33 24.47 -10.06
CA GLN A 237 17.08 24.88 -11.44
C GLN A 237 15.59 24.79 -11.70
N VAL A 238 15.06 25.77 -12.40
CA VAL A 238 13.63 25.87 -12.66
C VAL A 238 13.33 25.24 -14.01
N VAL A 239 12.28 24.43 -14.05
CA VAL A 239 11.86 23.82 -15.31
C VAL A 239 11.37 24.91 -16.25
N CYS A 240 11.84 24.86 -17.50
CA CYS A 240 11.46 25.84 -18.50
C CYS A 240 10.69 25.16 -19.63
N ASN A 241 9.63 25.82 -20.11
CA ASN A 241 8.80 25.29 -21.18
C ASN A 241 9.36 25.76 -22.51
N ALA A 242 10.20 24.90 -23.10
CA ALA A 242 10.81 25.17 -24.39
C ALA A 242 10.41 24.14 -25.44
N ASN A 243 9.21 23.59 -25.34
CA ASN A 243 8.76 22.60 -26.31
C ASN A 243 8.68 23.21 -27.71
N LYS A 244 8.18 24.43 -27.81
CA LYS A 244 8.11 25.09 -29.11
C LYS A 244 9.50 25.30 -29.70
N LEU A 245 10.46 25.72 -28.86
CA LEU A 245 11.82 25.91 -29.34
C LEU A 245 12.43 24.59 -29.79
N ALA A 246 12.20 23.51 -29.05
CA ALA A 246 12.72 22.21 -29.45
C ALA A 246 12.10 21.76 -30.78
N ASP A 247 10.81 22.01 -30.96
CA ASP A 247 10.17 21.66 -32.23
C ASP A 247 10.77 22.44 -33.38
N LEU A 248 11.02 23.73 -33.17
CA LEU A 248 11.66 24.54 -34.21
C LEU A 248 13.05 24.00 -34.54
N VAL A 249 13.82 23.63 -33.52
CA VAL A 249 15.16 23.12 -33.78
C VAL A 249 15.11 21.79 -34.53
N LYS A 250 14.15 20.93 -34.17
CA LYS A 250 14.01 19.66 -34.87
C LYS A 250 13.63 19.89 -36.33
N LYS A 251 12.73 20.84 -36.58
CA LYS A 251 12.38 21.17 -37.96
C LYS A 251 13.61 21.68 -38.71
N LYS A 252 14.42 22.52 -38.07
CA LYS A 252 15.63 23.01 -38.72
C LYS A 252 16.57 21.86 -39.06
N LYS A 253 16.74 20.91 -38.13
CA LYS A 253 17.61 19.77 -38.39
C LYS A 253 17.10 18.95 -39.58
N LYS A 254 15.79 18.70 -39.63
CA LYS A 254 15.23 17.94 -40.74
C LYS A 254 15.44 18.67 -42.06
N LEU A 255 15.19 19.97 -42.08
CA LEU A 255 15.37 20.74 -43.31
C LEU A 255 16.83 20.75 -43.74
N GLN A 256 17.75 20.84 -42.78
CA GLN A 256 19.17 20.81 -43.11
C GLN A 256 19.56 19.46 -43.69
N ASN A 257 19.03 18.37 -43.13
CA ASN A 257 19.31 17.05 -43.70
C ASN A 257 18.79 16.95 -45.12
N TRP A 258 17.58 17.45 -45.36
CA TRP A 258 17.03 17.42 -46.72
C TRP A 258 17.90 18.24 -47.67
N LEU A 259 18.34 19.41 -47.23
CA LEU A 259 19.20 20.24 -48.05
C LEU A 259 20.51 19.53 -48.37
N ASP A 260 21.09 18.86 -47.38
CA ASP A 260 22.35 18.15 -47.62
C ASP A 260 22.14 17.01 -48.62
N TYR A 261 21.03 16.29 -48.50
CA TYR A 261 20.72 15.24 -49.46
C TYR A 261 20.62 15.80 -50.87
N TYR A 262 19.90 16.90 -51.04
CA TYR A 262 19.73 17.48 -52.37
C TYR A 262 21.07 18.00 -52.90
N GLN A 263 21.88 18.62 -52.05
CA GLN A 263 23.18 19.10 -52.49
C GLN A 263 24.07 17.96 -52.95
N LEU A 264 24.10 16.87 -52.19
CA LEU A 264 24.91 15.72 -52.59
C LEU A 264 24.39 15.12 -53.90
N LYS A 265 23.07 15.06 -54.06
CA LYS A 265 22.49 14.51 -55.28
C LYS A 265 22.87 15.36 -56.49
N TYR A 266 22.73 16.68 -56.39
CA TYR A 266 23.10 17.54 -57.51
C TYR A 266 24.59 17.52 -57.77
N ALA A 267 25.41 17.41 -56.72
CA ALA A 267 26.85 17.29 -56.92
C ALA A 267 27.20 16.02 -57.66
N ARG A 268 26.57 14.90 -57.29
CA ARG A 268 26.85 13.63 -57.96
C ARG A 268 26.36 13.67 -59.41
N ASN A 269 25.17 14.23 -59.64
CA ASN A 269 24.59 14.29 -60.98
C ASN A 269 24.01 15.68 -61.19
N ASN A 270 24.47 16.37 -62.23
CA ASN A 270 24.05 17.75 -62.51
C ASN A 270 22.84 17.73 -63.42
N SER A 271 21.65 17.72 -62.81
CA SER A 271 20.39 17.70 -63.53
C SER A 271 19.39 18.61 -62.82
N GLN A 272 18.13 18.49 -63.22
CA GLN A 272 17.06 19.28 -62.63
C GLN A 272 16.04 18.34 -61.97
N ARG A 273 15.77 18.58 -60.69
CA ARG A 273 14.83 17.77 -59.92
C ARG A 273 13.65 18.65 -59.51
N ILE A 274 12.45 18.27 -59.93
CA ILE A 274 11.25 19.09 -59.75
C ILE A 274 10.24 18.42 -58.83
N MET A 275 10.69 17.53 -57.96
CA MET A 275 9.80 16.82 -57.03
C MET A 275 9.61 17.69 -55.79
N VAL A 276 8.39 18.19 -55.60
CA VAL A 276 8.09 19.03 -54.43
C VAL A 276 7.59 18.08 -53.34
N LYS A 277 8.55 17.47 -52.66
CA LYS A 277 8.33 16.69 -51.43
C LYS A 277 7.50 15.43 -51.65
N LEU A 278 6.98 15.22 -52.86
CA LEU A 278 6.24 14.00 -53.16
C LEU A 278 6.56 13.38 -54.52
N GLY A 279 7.08 14.14 -55.48
CA GLY A 279 7.38 13.61 -56.78
C GLY A 279 6.18 13.57 -57.71
N PHE A 280 5.17 12.77 -57.37
CA PHE A 280 4.02 12.62 -58.23
C PHE A 280 3.01 13.75 -58.05
N LEU A 281 2.50 13.91 -56.83
CA LEU A 281 1.47 14.89 -56.51
C LEU A 281 1.93 15.82 -55.40
N GLY A 282 3.12 16.38 -55.58
CA GLY A 282 3.73 17.22 -54.57
C GLY A 282 3.04 18.57 -54.44
N LEU A 283 3.81 19.53 -53.93
CA LEU A 283 3.27 20.86 -53.71
C LEU A 283 2.89 21.53 -55.02
N TRP A 284 1.97 22.49 -54.93
CA TRP A 284 1.53 23.25 -56.10
C TRP A 284 2.65 24.21 -56.52
N GLY A 285 3.75 23.61 -56.97
CA GLY A 285 4.91 24.36 -57.39
C GLY A 285 5.79 23.56 -58.32
N GLN A 286 6.95 24.10 -58.66
CA GLN A 286 7.90 23.40 -59.51
C GLN A 286 9.18 23.02 -58.79
N LYS A 287 9.86 23.98 -58.17
CA LYS A 287 11.11 23.73 -57.44
C LYS A 287 12.09 22.94 -58.29
N VAL A 288 12.40 23.49 -59.47
CA VAL A 288 13.29 22.82 -60.41
C VAL A 288 14.67 22.64 -59.79
N ASP A 289 15.14 23.64 -59.06
CA ASP A 289 16.41 23.57 -58.34
C ASP A 289 16.23 23.40 -56.84
N ALA A 290 15.46 24.29 -56.21
CA ALA A 290 15.00 24.15 -54.83
C ALA A 290 16.14 24.25 -53.82
N ILE A 291 17.38 24.35 -54.30
CA ILE A 291 18.50 24.54 -53.38
C ILE A 291 18.42 25.92 -52.73
N GLU A 292 18.15 26.95 -53.52
CA GLU A 292 17.93 28.27 -52.96
C GLU A 292 16.70 28.28 -52.05
N HIS A 293 15.69 27.49 -52.40
CA HIS A 293 14.51 27.36 -51.57
C HIS A 293 14.87 26.83 -50.19
N TYR A 294 15.67 25.76 -50.14
CA TYR A 294 16.05 25.19 -48.87
C TYR A 294 16.99 26.10 -48.10
N ILE A 295 17.85 26.85 -48.80
CA ILE A 295 18.71 27.82 -48.13
C ILE A 295 17.87 28.91 -47.48
N ALA A 296 16.88 29.42 -48.20
CA ALA A 296 15.98 30.42 -47.63
C ALA A 296 15.21 29.85 -46.45
N GLU A 297 14.77 28.60 -46.56
CA GLU A 297 14.09 27.95 -45.45
C GLU A 297 14.98 27.87 -44.23
N ILE A 298 16.25 27.48 -44.41
CA ILE A 298 17.19 27.41 -43.31
C ILE A 298 17.38 28.76 -42.68
N ASP A 299 17.55 29.81 -43.48
CA ASP A 299 17.76 31.15 -42.95
C ASP A 299 16.54 31.61 -42.16
N LYS A 300 15.35 31.42 -42.72
CA LYS A 300 14.13 31.84 -42.05
C LYS A 300 13.95 31.09 -40.73
N ILE A 301 14.19 29.78 -40.74
CA ILE A 301 14.05 29.01 -39.52
C ILE A 301 15.09 29.42 -38.49
N SER A 302 16.30 29.77 -38.93
CA SER A 302 17.31 30.25 -37.99
C SER A 302 16.88 31.55 -37.33
N LYS A 303 16.35 32.50 -38.12
CA LYS A 303 15.84 33.73 -37.51
C LYS A 303 14.69 33.45 -36.55
N GLU A 304 13.79 32.55 -36.94
CA GLU A 304 12.66 32.21 -36.07
C GLU A 304 13.15 31.58 -34.77
N ILE A 305 14.13 30.70 -34.85
CA ILE A 305 14.66 30.04 -33.66
C ILE A 305 15.35 31.05 -32.76
N SER A 306 16.11 31.99 -33.34
CA SER A 306 16.73 33.03 -32.52
C SER A 306 15.69 33.87 -31.81
N LYS A 307 14.64 34.26 -32.53
CA LYS A 307 13.57 35.03 -31.90
C LYS A 307 12.89 34.24 -30.79
N GLU A 308 12.65 32.95 -31.02
CA GLU A 308 12.00 32.12 -30.01
C GLU A 308 12.89 31.96 -28.79
N ARG A 309 14.19 31.80 -29.00
CA ARG A 309 15.13 31.77 -27.88
C ARG A 309 15.02 33.04 -27.06
N GLU A 310 15.04 34.19 -27.73
CA GLU A 310 14.95 35.46 -27.02
C GLU A 310 13.65 35.57 -26.25
N GLU A 311 12.54 35.13 -26.84
CA GLU A 311 11.25 35.20 -26.16
C GLU A 311 11.21 34.29 -24.94
N VAL A 312 11.69 33.05 -25.08
CA VAL A 312 11.53 32.07 -24.03
C VAL A 312 12.50 32.34 -22.89
N VAL A 313 13.61 33.02 -23.15
CA VAL A 313 14.52 33.35 -22.06
C VAL A 313 13.85 34.30 -21.06
N ASN A 314 13.11 35.29 -21.55
CA ASN A 314 12.58 36.34 -20.70
C ASN A 314 11.07 36.24 -20.47
N ASP A 315 10.39 35.22 -21.01
CA ASP A 315 8.96 35.09 -20.81
C ASP A 315 8.67 34.44 -19.46
N PRO A 316 7.97 35.12 -18.54
CA PRO A 316 7.56 34.45 -17.31
C PRO A 316 6.58 33.33 -17.53
N LYS A 317 5.74 33.42 -18.57
CA LYS A 317 4.73 32.40 -18.81
C LYS A 317 5.31 31.05 -19.17
N ALA A 318 6.59 30.99 -19.53
CA ALA A 318 7.24 29.73 -19.88
C ALA A 318 7.76 28.98 -18.66
N ILE A 319 7.63 29.55 -17.47
CA ILE A 319 8.09 28.90 -16.25
C ILE A 319 7.01 27.98 -15.73
N MET A 320 7.28 26.69 -15.74
CA MET A 320 6.35 25.75 -15.16
C MET A 320 6.44 25.77 -13.64
N PRO A 321 5.41 25.31 -12.95
CA PRO A 321 5.48 25.22 -11.47
C PRO A 321 6.20 23.97 -11.00
N ALA A 322 7.47 23.84 -11.41
CA ALA A 322 8.28 22.71 -11.01
C ALA A 322 9.75 23.11 -11.11
N ALA A 323 10.59 22.40 -10.36
CA ALA A 323 12.00 22.73 -10.34
C ALA A 323 12.80 21.53 -9.87
N PHE A 324 14.07 21.51 -10.25
CA PHE A 324 15.02 20.51 -9.79
C PHE A 324 15.86 21.10 -8.68
N VAL A 325 15.94 20.41 -7.55
CA VAL A 325 16.67 20.88 -6.39
C VAL A 325 17.87 19.96 -6.17
N SER A 326 19.02 20.54 -5.87
CA SER A 326 20.23 19.78 -5.65
C SER A 326 20.81 20.07 -4.27
N PHE A 327 21.17 19.00 -3.56
CA PHE A 327 21.70 19.10 -2.20
C PHE A 327 23.18 18.78 -2.18
N LYS A 328 23.82 19.11 -1.07
CA LYS A 328 25.24 18.82 -0.92
C LYS A 328 25.51 17.36 -0.64
N THR A 329 24.53 16.64 -0.06
CA THR A 329 24.78 15.28 0.39
C THR A 329 23.70 14.34 -0.13
N ARG A 330 24.12 13.15 -0.53
CA ARG A 330 23.16 12.10 -0.87
C ARG A 330 22.21 11.84 0.29
N TRP A 331 22.68 12.00 1.53
CA TRP A 331 21.81 11.80 2.67
C TRP A 331 20.68 12.81 2.67
N ALA A 332 20.99 14.09 2.46
CA ALA A 332 19.94 15.09 2.43
C ALA A 332 19.01 14.87 1.26
N ALA A 333 19.55 14.50 0.09
CA ALA A 333 18.68 14.24 -1.05
C ALA A 333 17.73 13.08 -0.76
N ALA A 334 18.24 12.01 -0.16
CA ALA A 334 17.40 10.87 0.16
C ALA A 334 16.34 11.25 1.18
N VAL A 335 16.70 12.08 2.16
CA VAL A 335 15.73 12.53 3.14
C VAL A 335 14.62 13.30 2.46
N CYS A 336 14.98 14.22 1.56
CA CYS A 336 13.97 15.01 0.88
C CYS A 336 13.10 14.17 -0.02
N ALA A 337 13.65 13.12 -0.61
CA ALA A 337 12.94 12.35 -1.62
C ALA A 337 11.97 11.32 -1.05
N GLN A 338 11.90 11.17 0.27
CA GLN A 338 11.12 10.09 0.85
C GLN A 338 10.12 10.56 1.90
N THR A 339 9.98 11.87 2.09
CA THR A 339 9.17 12.39 3.19
C THR A 339 8.13 13.37 2.66
N GLN A 340 6.95 13.32 3.27
CA GLN A 340 5.92 14.32 3.00
C GLN A 340 6.47 15.70 3.33
N GLN A 341 6.28 16.66 2.43
CA GLN A 341 6.91 17.96 2.57
C GLN A 341 6.05 19.01 3.25
N THR A 342 4.72 18.97 3.05
CA THR A 342 3.85 20.02 3.53
C THR A 342 2.51 19.40 3.95
N ARG A 343 1.66 20.20 4.59
CA ARG A 343 0.34 19.74 4.97
C ARG A 343 -0.40 19.13 3.80
N ASN A 344 -0.45 19.84 2.69
CA ASN A 344 -1.19 19.41 1.52
C ASN A 344 -0.40 18.33 0.79
N PRO A 345 -0.95 17.12 0.66
CA PRO A 345 -0.23 16.06 -0.05
C PRO A 345 -0.27 16.20 -1.56
N THR A 346 -0.69 17.33 -2.10
CA THR A 346 -0.64 17.59 -3.53
C THR A 346 0.16 18.84 -3.86
N GLN A 347 0.88 19.40 -2.90
CA GLN A 347 1.74 20.55 -3.11
C GLN A 347 3.14 20.20 -2.64
N TRP A 348 4.14 20.77 -3.30
CA TRP A 348 5.54 20.45 -3.05
C TRP A 348 5.78 18.95 -3.16
N LEU A 349 5.13 18.33 -4.14
CA LEU A 349 5.29 16.91 -4.39
C LEU A 349 6.74 16.63 -4.75
N THR A 350 7.26 15.52 -4.24
CA THR A 350 8.69 15.22 -4.32
C THR A 350 8.91 13.80 -4.82
N GLU A 351 9.89 13.64 -5.70
CA GLU A 351 10.26 12.32 -6.20
C GLU A 351 11.71 12.38 -6.69
N TRP A 352 12.31 11.21 -6.86
CA TRP A 352 13.69 11.14 -7.31
C TRP A 352 13.83 11.75 -8.70
N ALA A 353 14.93 12.46 -8.91
CA ALA A 353 15.13 13.13 -10.19
C ALA A 353 15.89 12.23 -11.16
N PRO A 354 15.36 12.00 -12.35
CA PRO A 354 16.07 11.17 -13.33
C PRO A 354 17.32 11.88 -13.83
N GLU A 355 18.29 11.10 -14.27
CA GLU A 355 19.54 11.67 -14.76
C GLU A 355 19.29 12.42 -16.07
N PRO A 356 20.14 13.42 -16.38
CA PRO A 356 19.79 14.36 -17.47
C PRO A 356 19.48 13.71 -18.79
N ARG A 357 20.23 12.67 -19.18
CA ARG A 357 19.94 12.00 -20.43
C ARG A 357 18.66 11.18 -20.38
N ASP A 358 18.08 11.01 -19.20
CA ASP A 358 16.86 10.24 -19.03
C ASP A 358 15.64 11.14 -18.97
N VAL A 359 15.80 12.37 -18.48
CA VAL A 359 14.65 13.27 -18.32
C VAL A 359 13.99 13.54 -19.66
N PHE A 360 12.69 13.32 -19.71
CA PHE A 360 11.90 13.52 -20.92
C PHE A 360 11.37 14.95 -20.89
N TRP A 361 12.19 15.89 -21.36
CA TRP A 361 11.90 17.31 -21.19
C TRP A 361 10.60 17.73 -21.85
N SER A 362 10.13 17.02 -22.87
CA SER A 362 8.94 17.45 -23.58
C SER A 362 7.68 17.37 -22.72
N ASN A 363 7.72 16.57 -21.66
CA ASN A 363 6.55 16.37 -20.82
C ASN A 363 6.57 17.19 -19.53
N LEU A 364 7.71 17.77 -19.16
CA LEU A 364 7.74 18.59 -17.97
C LEU A 364 6.87 19.84 -18.08
N ALA A 365 6.43 20.20 -19.28
CA ALA A 365 5.57 21.35 -19.48
C ALA A 365 4.10 21.04 -19.21
N ILE A 366 3.74 19.79 -19.00
CA ILE A 366 2.35 19.43 -18.75
C ILE A 366 1.98 19.89 -17.35
N PRO A 367 0.96 20.72 -17.18
CA PRO A 367 0.52 21.09 -15.83
C PRO A 367 0.07 19.86 -15.07
N TYR A 368 0.40 19.82 -13.78
CA TYR A 368 0.16 18.61 -13.00
C TYR A 368 -1.33 18.35 -12.85
N VAL A 369 -2.14 19.40 -12.83
CA VAL A 369 -3.55 19.27 -12.49
C VAL A 369 -4.31 18.46 -13.53
N SER A 370 -3.77 18.36 -14.75
CA SER A 370 -4.46 17.67 -15.83
C SER A 370 -4.05 16.21 -15.97
N LEU A 371 -3.18 15.70 -15.10
CA LEU A 371 -2.73 14.31 -15.22
C LEU A 371 -3.86 13.33 -14.94
N THR A 372 -4.77 13.65 -14.03
CA THR A 372 -5.90 12.76 -13.79
C THR A 372 -6.79 12.63 -15.02
N VAL A 373 -7.12 13.77 -15.63
CA VAL A 373 -7.88 13.77 -16.87
C VAL A 373 -7.13 12.96 -17.92
N ARG A 374 -5.82 13.15 -18.00
CA ARG A 374 -5.04 12.41 -18.98
C ARG A 374 -5.13 10.92 -18.75
N ARG A 375 -4.90 10.46 -17.52
CA ARG A 375 -4.94 9.02 -17.25
C ARG A 375 -6.31 8.45 -17.57
N LEU A 376 -7.37 9.23 -17.32
CA LEU A 376 -8.70 8.78 -17.70
C LEU A 376 -8.81 8.61 -19.21
N ILE A 377 -8.29 9.58 -19.97
CA ILE A 377 -8.31 9.46 -21.42
C ILE A 377 -7.49 8.26 -21.88
N MET A 378 -6.35 8.03 -21.22
CA MET A 378 -5.57 6.83 -21.47
C MET A 378 -6.38 5.57 -21.34
N HIS A 379 -7.09 5.41 -20.22
CA HIS A 379 -7.82 4.17 -20.00
C HIS A 379 -8.94 4.02 -21.02
N VAL A 380 -9.62 5.13 -21.35
CA VAL A 380 -10.68 5.04 -22.34
C VAL A 380 -10.13 4.65 -23.71
N ALA A 381 -9.02 5.27 -24.11
CA ALA A 381 -8.43 4.96 -25.41
C ALA A 381 -7.91 3.53 -25.45
N PHE A 382 -7.33 3.07 -24.34
CA PHE A 382 -6.85 1.70 -24.27
C PHE A 382 -8.01 0.73 -24.36
N PHE A 383 -9.15 1.06 -23.76
CA PHE A 383 -10.33 0.23 -23.90
C PHE A 383 -10.79 0.16 -25.35
N PHE A 384 -10.83 1.31 -26.04
CA PHE A 384 -11.22 1.29 -27.44
C PHE A 384 -10.24 0.46 -28.27
N LEU A 385 -8.95 0.59 -28.00
CA LEU A 385 -7.96 -0.18 -28.75
C LEU A 385 -8.13 -1.67 -28.52
N THR A 386 -8.23 -2.08 -27.25
CA THR A 386 -8.31 -3.51 -26.95
C THR A 386 -9.65 -4.07 -27.39
N PHE A 387 -10.65 -3.22 -27.60
CA PHE A 387 -11.93 -3.72 -28.13
C PHE A 387 -11.90 -3.83 -29.64
N PHE A 388 -11.34 -2.84 -30.32
CA PHE A 388 -11.22 -2.92 -31.78
C PHE A 388 -10.26 -4.01 -32.22
N PHE A 389 -9.33 -4.42 -31.36
CA PHE A 389 -8.25 -5.25 -31.86
C PHE A 389 -8.58 -6.75 -31.77
N ILE A 390 -9.77 -7.14 -31.32
CA ILE A 390 -10.18 -8.53 -31.50
C ILE A 390 -10.36 -8.83 -32.98
N VAL A 391 -10.97 -7.90 -33.73
CA VAL A 391 -11.32 -8.17 -35.13
C VAL A 391 -10.14 -8.68 -35.94
N PRO A 392 -8.96 -8.06 -35.92
CA PRO A 392 -7.83 -8.67 -36.65
C PRO A 392 -7.42 -10.01 -36.08
N ILE A 393 -7.43 -10.17 -34.77
CA ILE A 393 -7.03 -11.45 -34.19
C ILE A 393 -8.14 -12.47 -34.34
N ALA A 394 -9.40 -12.03 -34.35
CA ALA A 394 -10.48 -12.94 -34.73
C ALA A 394 -10.29 -13.42 -36.16
N PHE A 395 -9.85 -12.52 -37.05
CA PHE A 395 -9.55 -12.91 -38.43
C PHE A 395 -8.42 -13.93 -38.48
N VAL A 396 -7.39 -13.73 -37.65
CA VAL A 396 -6.30 -14.70 -37.59
C VAL A 396 -6.82 -16.05 -37.16
N GLN A 397 -7.68 -16.08 -36.13
CA GLN A 397 -8.27 -17.34 -35.70
C GLN A 397 -9.10 -17.97 -36.81
N SER A 398 -9.81 -17.15 -37.58
CA SER A 398 -10.56 -17.66 -38.72
C SER A 398 -9.64 -18.31 -39.74
N LEU A 399 -8.50 -17.67 -40.01
CA LEU A 399 -7.49 -18.32 -40.85
C LEU A 399 -7.04 -19.64 -40.24
N ALA A 400 -7.02 -19.71 -38.91
CA ALA A 400 -6.70 -20.96 -38.22
C ALA A 400 -7.95 -21.83 -38.19
N THR A 401 -8.29 -22.40 -39.35
CA THR A 401 -9.47 -23.24 -39.48
C THR A 401 -9.34 -24.52 -38.67
N PHE A 420 -4.04 -31.48 -48.56
CA PHE A 420 -2.78 -31.21 -47.88
C PHE A 420 -2.29 -29.79 -48.18
N MET A 421 -2.75 -29.24 -49.31
CA MET A 421 -2.33 -27.92 -49.75
C MET A 421 -2.75 -26.83 -48.77
N LYS A 422 -3.85 -27.02 -48.05
CA LYS A 422 -4.31 -26.07 -47.04
C LYS A 422 -3.71 -26.33 -45.67
N SER A 423 -3.25 -27.56 -45.41
CA SER A 423 -2.74 -27.89 -44.08
C SER A 423 -1.53 -27.04 -43.72
N VAL A 424 -0.57 -26.92 -44.64
CA VAL A 424 0.67 -26.20 -44.33
C VAL A 424 0.37 -24.72 -44.07
N ILE A 425 -0.46 -24.13 -44.91
CA ILE A 425 -0.73 -22.70 -44.76
C ILE A 425 -1.57 -22.44 -43.51
N GLN A 426 -2.52 -23.32 -43.22
CA GLN A 426 -3.33 -23.10 -42.01
C GLN A 426 -2.50 -23.32 -40.76
N GLY A 427 -1.45 -24.14 -40.86
CA GLY A 427 -0.58 -24.35 -39.71
C GLY A 427 0.48 -23.29 -39.54
N PHE A 428 0.84 -22.57 -40.61
CA PHE A 428 1.91 -21.60 -40.50
C PHE A 428 1.45 -20.15 -40.52
N LEU A 429 0.53 -19.80 -41.44
CA LEU A 429 0.17 -18.41 -41.65
C LEU A 429 -0.31 -17.65 -40.41
N PRO A 430 -1.12 -18.23 -39.51
CA PRO A 430 -1.61 -17.41 -38.39
C PRO A 430 -0.51 -16.76 -37.58
N GLY A 431 0.59 -17.47 -37.34
CA GLY A 431 1.67 -16.90 -36.55
C GLY A 431 2.29 -15.68 -37.20
N ILE A 432 2.64 -15.80 -38.48
CA ILE A 432 3.30 -14.68 -39.16
C ILE A 432 2.33 -13.53 -39.33
N ALA A 433 1.05 -13.84 -39.57
CA ALA A 433 0.04 -12.79 -39.68
C ALA A 433 -0.08 -12.02 -38.38
N LEU A 434 -0.14 -12.74 -37.25
CA LEU A 434 -0.21 -12.07 -35.95
C LEU A 434 1.04 -11.26 -35.68
N LYS A 435 2.20 -11.79 -36.07
CA LYS A 435 3.46 -11.07 -35.85
C LYS A 435 3.46 -9.74 -36.60
N LEU A 436 3.02 -9.75 -37.86
CA LEU A 436 2.86 -8.48 -38.57
C LEU A 436 1.81 -7.59 -37.92
N PHE A 437 0.74 -8.19 -37.40
CA PHE A 437 -0.34 -7.38 -36.84
C PHE A 437 0.09 -6.68 -35.55
N LEU A 438 1.04 -7.26 -34.84
CA LEU A 438 1.52 -6.69 -33.58
C LEU A 438 2.80 -5.89 -33.75
N ALA A 439 3.22 -5.61 -34.98
CA ALA A 439 4.50 -4.97 -35.20
C ALA A 439 4.52 -3.53 -34.70
N PHE A 440 3.47 -2.77 -35.01
CA PHE A 440 3.42 -1.35 -34.64
C PHE A 440 2.75 -1.13 -33.29
N LEU A 441 2.24 -2.18 -32.67
CA LEU A 441 1.58 -2.02 -31.37
C LEU A 441 2.48 -1.47 -30.28
N PRO A 442 3.73 -1.93 -30.11
CA PRO A 442 4.60 -1.25 -29.14
C PRO A 442 4.79 0.22 -29.44
N SER A 443 4.90 0.57 -30.73
CA SER A 443 5.02 1.97 -31.09
C SER A 443 3.79 2.76 -30.67
N ILE A 444 2.60 2.20 -30.91
CA ILE A 444 1.37 2.90 -30.54
C ILE A 444 1.32 3.11 -29.03
N LEU A 445 1.63 2.06 -28.27
CA LEU A 445 1.54 2.18 -26.81
C LEU A 445 2.56 3.17 -26.28
N MET A 446 3.77 3.16 -26.84
CA MET A 446 4.77 4.15 -26.45
C MET A 446 4.31 5.56 -26.79
N ILE A 447 3.68 5.74 -27.96
CA ILE A 447 3.16 7.05 -28.32
C ILE A 447 2.11 7.49 -27.32
N MET A 448 1.25 6.58 -26.90
CA MET A 448 0.18 6.94 -25.98
C MET A 448 0.75 7.37 -24.63
N SER A 449 1.65 6.55 -24.07
CA SER A 449 2.26 6.90 -22.80
C SER A 449 3.05 8.20 -22.90
N LYS A 450 3.82 8.36 -23.97
CA LYS A 450 4.53 9.61 -24.21
C LYS A 450 3.57 10.78 -24.25
N PHE A 451 2.38 10.57 -24.81
CA PHE A 451 1.37 11.62 -24.83
C PHE A 451 0.98 12.02 -23.43
N GLU A 452 0.87 11.07 -22.52
CA GLU A 452 0.47 11.46 -21.18
C GLU A 452 1.61 11.36 -20.18
N GLY A 453 2.07 12.53 -19.74
CA GLY A 453 3.40 12.77 -19.21
C GLY A 453 3.91 11.87 -18.10
N PHE A 454 5.19 11.51 -18.19
CA PHE A 454 5.89 10.79 -17.14
C PHE A 454 7.27 11.34 -16.84
N THR A 455 7.80 12.21 -17.68
CA THR A 455 9.02 12.99 -17.45
C THR A 455 10.27 12.15 -17.36
N SER A 456 10.22 10.87 -17.71
CA SER A 456 11.42 10.05 -17.69
C SER A 456 11.25 8.87 -18.62
N ILE A 457 12.27 8.62 -19.45
CA ILE A 457 12.20 7.53 -20.41
C ILE A 457 12.03 6.20 -19.69
N SER A 458 12.68 6.05 -18.52
CA SER A 458 12.53 4.81 -17.77
C SER A 458 11.08 4.55 -17.38
N SER A 459 10.42 5.56 -16.81
CA SER A 459 9.03 5.38 -16.42
C SER A 459 8.14 5.20 -17.64
N LEU A 460 8.43 5.91 -18.73
CA LEU A 460 7.66 5.71 -19.96
C LEU A 460 7.76 4.28 -20.43
N GLU A 461 8.96 3.72 -20.44
CA GLU A 461 9.13 2.35 -20.90
C GLU A 461 8.43 1.37 -19.97
N ARG A 462 8.53 1.58 -18.67
CA ARG A 462 7.87 0.68 -17.74
C ARG A 462 6.35 0.73 -17.91
N ARG A 463 5.78 1.94 -18.04
CA ARG A 463 4.35 2.06 -18.22
C ARG A 463 3.90 1.45 -19.55
N ALA A 464 4.66 1.69 -20.61
CA ALA A 464 4.29 1.12 -21.91
C ALA A 464 4.37 -0.40 -21.87
N ALA A 465 5.38 -0.95 -21.21
CA ALA A 465 5.46 -2.40 -21.06
C ALA A 465 4.29 -2.93 -20.26
N PHE A 466 3.88 -2.21 -19.22
CA PHE A 466 2.76 -2.65 -18.40
C PHE A 466 1.47 -2.67 -19.23
N ARG A 467 1.24 -1.62 -20.03
CA ARG A 467 0.05 -1.59 -20.86
C ARG A 467 0.10 -2.67 -21.93
N TYR A 468 1.28 -2.90 -22.51
CA TYR A 468 1.40 -3.96 -23.50
C TYR A 468 1.13 -5.32 -22.88
N TYR A 469 1.58 -5.53 -21.64
CA TYR A 469 1.26 -6.79 -20.97
C TYR A 469 -0.23 -6.92 -20.71
N ILE A 470 -0.88 -5.84 -20.29
CA ILE A 470 -2.33 -5.91 -20.06
C ILE A 470 -3.06 -6.26 -21.34
N PHE A 471 -2.78 -5.54 -22.43
CA PHE A 471 -3.43 -5.84 -23.69
C PHE A 471 -3.10 -7.25 -24.14
N ASN A 472 -1.86 -7.66 -23.93
CA ASN A 472 -1.40 -8.99 -24.31
C ASN A 472 -2.24 -10.05 -23.65
N LEU A 473 -2.36 -9.99 -22.32
CA LEU A 473 -3.19 -10.92 -21.56
C LEU A 473 -4.64 -10.86 -22.03
N VAL A 474 -5.21 -9.66 -22.08
CA VAL A 474 -6.63 -9.52 -22.33
C VAL A 474 -7.00 -10.07 -23.68
N ASN A 475 -6.22 -9.76 -24.71
CA ASN A 475 -6.64 -10.11 -26.05
C ASN A 475 -5.96 -11.38 -26.56
N VAL A 476 -4.63 -11.37 -26.72
CA VAL A 476 -4.06 -12.36 -27.64
C VAL A 476 -4.00 -13.73 -26.98
N PHE A 477 -4.14 -13.78 -25.66
CA PHE A 477 -4.36 -15.05 -24.98
C PHE A 477 -5.84 -15.32 -24.74
N LEU A 478 -6.49 -14.48 -23.93
CA LEU A 478 -7.86 -14.75 -23.50
C LEU A 478 -8.83 -14.63 -24.66
N ALA A 479 -8.86 -13.47 -25.33
CA ALA A 479 -9.82 -13.27 -26.40
C ALA A 479 -9.53 -14.22 -27.56
N SER A 480 -8.25 -14.45 -27.85
CA SER A 480 -7.92 -15.39 -28.92
C SER A 480 -8.43 -16.78 -28.62
N VAL A 481 -8.22 -17.27 -27.39
CA VAL A 481 -8.63 -18.63 -27.09
C VAL A 481 -10.15 -18.75 -27.06
N ILE A 482 -10.83 -17.72 -26.56
CA ILE A 482 -12.29 -17.80 -26.50
C ILE A 482 -12.89 -17.73 -27.90
N ALA A 483 -12.34 -16.86 -28.77
CA ALA A 483 -12.84 -16.80 -30.13
C ALA A 483 -12.56 -18.09 -30.89
N GLY A 484 -11.39 -18.67 -30.67
CA GLY A 484 -11.09 -19.94 -31.32
C GLY A 484 -11.99 -21.06 -30.85
N ALA A 485 -12.30 -21.11 -29.56
CA ALA A 485 -13.25 -22.09 -29.07
C ALA A 485 -14.63 -21.88 -29.69
N ALA A 486 -15.04 -20.61 -29.82
CA ALA A 486 -16.33 -20.32 -30.46
C ALA A 486 -16.34 -20.80 -31.90
N PHE A 487 -15.24 -20.59 -32.62
CA PHE A 487 -15.16 -21.09 -33.99
C PHE A 487 -15.17 -22.61 -34.03
N GLU A 488 -14.54 -23.26 -33.05
CA GLU A 488 -14.51 -24.72 -33.02
C GLU A 488 -15.89 -25.30 -32.71
N GLN A 489 -16.69 -24.59 -31.92
CA GLN A 489 -18.01 -25.10 -31.55
C GLN A 489 -19.02 -25.08 -32.68
N LEU A 490 -18.57 -24.99 -33.93
CA LEU A 490 -19.45 -24.94 -35.09
C LEU A 490 -20.32 -23.68 -35.06
N PRO A 502 -24.28 -26.53 -24.10
CA PRO A 502 -23.62 -26.30 -22.82
C PRO A 502 -22.27 -25.59 -22.97
N LYS A 503 -21.33 -25.90 -22.08
CA LYS A 503 -20.02 -25.27 -22.07
C LYS A 503 -18.97 -26.32 -22.41
N THR A 504 -18.59 -26.39 -23.69
CA THR A 504 -17.50 -27.25 -24.11
C THR A 504 -16.15 -26.57 -23.98
N ILE A 505 -16.05 -25.48 -23.23
CA ILE A 505 -14.77 -24.80 -23.05
C ILE A 505 -13.77 -25.71 -22.36
N GLY A 506 -14.25 -26.63 -21.53
CA GLY A 506 -13.36 -27.52 -20.81
C GLY A 506 -12.50 -28.36 -21.74
N VAL A 507 -13.08 -28.87 -22.82
CA VAL A 507 -12.30 -29.57 -23.83
C VAL A 507 -11.75 -28.63 -24.88
N ALA A 508 -12.31 -27.43 -25.01
CA ALA A 508 -11.87 -26.52 -26.07
C ALA A 508 -10.54 -25.84 -25.74
N ILE A 509 -10.38 -25.39 -24.51
CA ILE A 509 -9.23 -24.55 -24.13
C ILE A 509 -7.90 -25.24 -24.43
N PRO A 510 -7.68 -26.50 -24.03
CA PRO A 510 -6.40 -27.12 -24.36
C PRO A 510 -6.17 -27.31 -25.84
N MET A 511 -7.23 -27.34 -26.66
CA MET A 511 -7.08 -27.69 -28.06
C MET A 511 -6.31 -26.64 -28.85
N LYS A 512 -6.30 -25.39 -28.39
CA LYS A 512 -5.50 -24.39 -29.07
C LYS A 512 -4.01 -24.48 -28.73
N ALA A 513 -3.60 -25.58 -28.11
CA ALA A 513 -2.18 -25.85 -27.99
C ALA A 513 -1.50 -25.80 -29.34
N THR A 514 -2.17 -26.31 -30.39
CA THR A 514 -1.58 -26.28 -31.72
C THR A 514 -1.29 -24.85 -32.17
N PHE A 515 -2.29 -23.98 -32.10
CA PHE A 515 -2.11 -22.60 -32.54
C PHE A 515 -1.05 -21.90 -31.72
N PHE A 516 -1.06 -22.12 -30.40
CA PHE A 516 -0.07 -21.45 -29.57
C PHE A 516 1.33 -21.98 -29.83
N ILE A 517 1.46 -23.27 -30.11
CA ILE A 517 2.76 -23.80 -30.51
C ILE A 517 3.25 -23.07 -31.75
N THR A 518 2.36 -22.92 -32.74
CA THR A 518 2.76 -22.22 -33.96
C THR A 518 3.20 -20.79 -33.67
N TYR A 519 2.38 -20.03 -32.92
CA TYR A 519 2.70 -18.63 -32.68
C TYR A 519 3.98 -18.48 -31.89
N ILE A 520 4.15 -19.27 -30.83
CA ILE A 520 5.38 -19.22 -30.05
C ILE A 520 6.56 -19.59 -30.92
N MET A 521 6.40 -20.60 -31.75
CA MET A 521 7.49 -21.06 -32.59
C MET A 521 7.99 -19.93 -33.47
N VAL A 522 7.06 -19.28 -34.19
CA VAL A 522 7.44 -18.26 -35.17
C VAL A 522 7.89 -16.98 -34.49
N ASP A 523 7.20 -16.56 -33.44
CA ASP A 523 7.53 -15.32 -32.76
C ASP A 523 8.66 -15.49 -31.76
N GLY A 524 9.15 -16.72 -31.61
CA GLY A 524 10.25 -17.09 -30.75
C GLY A 524 11.48 -17.39 -31.59
N TRP A 525 11.65 -18.63 -32.00
CA TRP A 525 12.91 -19.04 -32.62
C TRP A 525 13.23 -18.17 -33.83
N ALA A 526 12.35 -18.21 -34.83
CA ALA A 526 12.58 -17.45 -36.04
C ALA A 526 12.58 -15.95 -35.78
N GLY A 527 11.73 -15.50 -34.86
CA GLY A 527 11.66 -14.08 -34.57
C GLY A 527 12.99 -13.54 -34.05
N VAL A 528 13.57 -14.24 -33.07
CA VAL A 528 14.86 -13.82 -32.53
C VAL A 528 15.95 -13.98 -33.58
N ALA A 529 15.89 -15.07 -34.36
CA ALA A 529 16.92 -15.29 -35.38
C ALA A 529 16.93 -14.17 -36.40
N GLY A 530 15.76 -13.71 -36.82
CA GLY A 530 15.71 -12.52 -37.66
C GLY A 530 16.11 -11.27 -36.91
N GLU A 531 15.85 -11.23 -35.60
CA GLU A 531 16.18 -10.04 -34.82
C GLU A 531 17.67 -9.80 -34.80
N ILE A 532 18.48 -10.86 -34.71
CA ILE A 532 19.92 -10.66 -34.60
C ILE A 532 20.50 -10.02 -35.84
N LEU A 533 19.82 -10.11 -36.99
CA LEU A 533 20.41 -9.60 -38.23
C LEU A 533 20.50 -8.08 -38.24
N MET A 534 19.61 -7.39 -37.51
CA MET A 534 19.52 -5.94 -37.57
C MET A 534 19.34 -5.45 -39.01
N LEU A 535 18.42 -6.08 -39.73
CA LEU A 535 18.23 -5.75 -41.13
C LEU A 535 17.84 -4.28 -41.28
N LYS A 536 16.89 -3.81 -40.47
CA LYS A 536 16.46 -2.41 -40.59
C LYS A 536 17.57 -1.44 -40.19
N PRO A 537 18.25 -1.59 -39.04
CA PRO A 537 19.36 -0.66 -38.75
C PRO A 537 20.45 -0.70 -39.80
N LEU A 538 20.76 -1.88 -40.34
CA LEU A 538 21.79 -1.98 -41.37
C LEU A 538 21.39 -1.23 -42.63
N ILE A 539 20.14 -1.41 -43.07
CA ILE A 539 19.67 -0.70 -44.26
C ILE A 539 19.71 0.81 -44.02
N MET A 540 19.28 1.24 -42.83
CA MET A 540 19.28 2.66 -42.51
C MET A 540 20.69 3.22 -42.51
N PHE A 541 21.65 2.48 -41.96
CA PHE A 541 23.02 2.95 -41.90
C PHE A 541 23.64 3.04 -43.29
N HIS A 542 23.40 2.04 -44.15
CA HIS A 542 23.92 2.14 -45.51
C HIS A 542 23.25 3.25 -46.29
N LEU A 543 21.96 3.49 -46.06
CA LEU A 543 21.31 4.61 -46.73
C LEU A 543 21.93 5.94 -46.30
N LYS A 544 22.21 6.09 -45.01
CA LYS A 544 22.89 7.30 -44.57
C LYS A 544 24.27 7.43 -45.21
N ASN A 545 25.00 6.33 -45.31
CA ASN A 545 26.31 6.39 -45.98
C ASN A 545 26.17 6.79 -47.43
N ALA A 546 25.15 6.27 -48.12
CA ALA A 546 25.03 6.50 -49.54
C ALA A 546 24.57 7.93 -49.85
N PHE A 547 23.67 8.47 -49.05
CA PHE A 547 23.01 9.72 -49.45
C PHE A 547 23.19 10.88 -48.49
N LEU A 548 23.64 10.65 -47.26
CA LEU A 548 23.78 11.71 -46.27
C LEU A 548 25.22 11.97 -45.84
N VAL A 549 26.09 10.96 -45.89
CA VAL A 549 27.47 11.14 -45.48
C VAL A 549 28.20 11.94 -46.55
N LYS A 550 28.63 13.15 -46.18
CA LYS A 550 29.39 14.02 -47.07
C LYS A 550 30.88 14.05 -46.74
N THR A 551 31.24 13.86 -45.48
CA THR A 551 32.63 13.88 -45.03
C THR A 551 32.81 12.78 -44.00
N ASP A 552 33.91 12.83 -43.27
CA ASP A 552 34.14 11.89 -42.19
C ASP A 552 33.51 12.41 -40.90
N LYS A 553 33.77 11.71 -39.80
CA LYS A 553 33.39 12.04 -38.43
C LYS A 553 31.87 12.23 -38.26
N ASP A 554 31.09 11.93 -39.29
CA ASP A 554 29.64 11.95 -39.19
C ASP A 554 29.04 10.56 -39.13
N ARG A 555 29.81 9.54 -39.49
CA ARG A 555 29.33 8.17 -39.35
C ARG A 555 29.11 7.82 -37.89
N GLU A 556 29.84 8.47 -36.97
CA GLU A 556 29.58 8.30 -35.55
C GLU A 556 28.17 8.72 -35.20
N GLU A 557 27.72 9.86 -35.75
CA GLU A 557 26.35 10.29 -35.55
C GLU A 557 25.36 9.43 -36.31
N ALA A 558 25.74 8.95 -37.50
CA ALA A 558 24.84 8.09 -38.27
C ALA A 558 24.59 6.77 -37.56
N MET A 559 25.58 6.27 -36.83
CA MET A 559 25.39 5.07 -36.02
C MET A 559 24.47 5.38 -34.84
N ASP A 560 23.43 4.56 -34.68
CA ASP A 560 22.50 4.67 -33.56
C ASP A 560 21.94 3.29 -33.30
N PRO A 561 22.59 2.51 -32.44
CA PRO A 561 22.16 1.12 -32.25
C PRO A 561 20.75 0.96 -31.70
N GLY A 562 20.29 1.90 -30.87
CA GLY A 562 19.04 1.74 -30.18
C GLY A 562 19.21 1.11 -28.81
N SER A 563 18.13 1.12 -28.06
CA SER A 563 18.13 0.62 -26.69
C SER A 563 17.99 -0.89 -26.70
N ILE A 564 17.94 -1.48 -25.50
CA ILE A 564 17.66 -2.90 -25.39
C ILE A 564 16.26 -3.24 -25.87
N GLY A 565 15.36 -2.28 -25.88
CA GLY A 565 13.99 -2.55 -26.25
C GLY A 565 13.29 -3.29 -25.14
N PHE A 566 13.35 -2.72 -23.94
CA PHE A 566 12.61 -3.29 -22.81
C PHE A 566 11.13 -3.33 -23.11
N ASN A 567 10.60 -2.26 -23.69
CA ASN A 567 9.17 -2.14 -23.93
C ASN A 567 8.63 -3.30 -24.74
N THR A 568 9.47 -3.89 -25.60
CA THR A 568 9.06 -5.06 -26.36
C THR A 568 9.50 -6.37 -25.75
N GLY A 569 10.73 -6.45 -25.22
CA GLY A 569 11.23 -7.71 -24.70
C GLY A 569 10.48 -8.17 -23.47
N GLU A 570 10.23 -7.27 -22.53
CA GLU A 570 9.62 -7.68 -21.27
C GLU A 570 8.22 -8.24 -21.46
N PRO A 571 7.31 -7.59 -22.19
CA PRO A 571 5.96 -8.15 -22.29
C PRO A 571 5.87 -9.43 -23.09
N ARG A 572 6.73 -9.63 -24.10
CA ARG A 572 6.69 -10.88 -24.84
C ARG A 572 7.10 -12.05 -23.96
N ILE A 573 8.20 -11.90 -23.22
CA ILE A 573 8.59 -12.97 -22.31
C ILE A 573 7.55 -13.15 -21.22
N GLN A 574 6.88 -12.08 -20.80
CA GLN A 574 5.81 -12.27 -19.82
C GLN A 574 4.65 -13.06 -20.39
N LEU A 575 4.28 -12.80 -21.64
CA LEU A 575 3.27 -13.62 -22.29
C LEU A 575 3.69 -15.07 -22.30
N TYR A 576 4.95 -15.34 -22.62
CA TYR A 576 5.39 -16.72 -22.70
C TYR A 576 5.35 -17.38 -21.32
N PHE A 577 5.78 -16.65 -20.29
CA PHE A 577 5.67 -17.14 -18.92
C PHE A 577 4.23 -17.52 -18.60
N LEU A 578 3.32 -16.58 -18.82
CA LEU A 578 1.92 -16.79 -18.49
C LEU A 578 1.36 -17.99 -19.22
N LEU A 579 1.64 -18.08 -20.52
CA LEU A 579 1.02 -19.10 -21.34
C LEU A 579 1.57 -20.47 -21.00
N GLY A 580 2.88 -20.55 -20.75
CA GLY A 580 3.46 -21.80 -20.31
C GLY A 580 2.94 -22.26 -18.96
N LEU A 581 2.79 -21.33 -18.03
CA LEU A 581 2.24 -21.70 -16.73
C LEU A 581 0.80 -22.18 -16.86
N VAL A 582 0.00 -21.49 -17.69
CA VAL A 582 -1.41 -21.84 -17.80
C VAL A 582 -1.57 -23.22 -18.43
N TYR A 583 -0.86 -23.49 -19.52
CA TYR A 583 -1.04 -24.77 -20.18
C TYR A 583 -0.09 -25.85 -19.72
N ALA A 584 0.76 -25.57 -18.73
CA ALA A 584 1.66 -26.60 -18.23
C ALA A 584 0.94 -27.82 -17.68
N PRO A 585 -0.04 -27.70 -16.78
CA PRO A 585 -0.69 -28.90 -16.24
C PRO A 585 -1.76 -29.52 -17.12
N VAL A 586 -2.07 -28.95 -18.28
CA VAL A 586 -3.12 -29.49 -19.12
C VAL A 586 -2.55 -30.02 -20.42
N THR A 587 -1.58 -29.29 -21.00
CA THR A 587 -0.98 -29.65 -22.29
C THR A 587 0.53 -29.54 -22.17
N PRO A 588 1.20 -30.54 -21.60
CA PRO A 588 2.66 -30.45 -21.45
C PRO A 588 3.41 -30.38 -22.77
N MET A 589 2.75 -30.61 -23.90
CA MET A 589 3.42 -30.50 -25.19
C MET A 589 3.92 -29.08 -25.45
N LEU A 590 3.38 -28.09 -24.75
CA LEU A 590 3.82 -26.70 -24.88
C LEU A 590 5.26 -26.50 -24.41
N LEU A 591 5.60 -27.03 -23.24
CA LEU A 591 6.77 -26.56 -22.51
C LEU A 591 8.10 -26.68 -23.26
N PRO A 592 8.39 -27.75 -24.02
CA PRO A 592 9.70 -27.83 -24.66
C PRO A 592 10.03 -26.65 -25.55
N PHE A 593 9.05 -26.15 -26.31
CA PHE A 593 9.34 -25.04 -27.22
C PHE A 593 9.55 -23.75 -26.44
N ILE A 594 8.85 -23.60 -25.30
CA ILE A 594 9.14 -22.47 -24.43
C ILE A 594 10.58 -22.52 -23.95
N LEU A 595 11.04 -23.71 -23.54
CA LEU A 595 12.41 -23.84 -23.06
C LEU A 595 13.40 -23.51 -24.16
N VAL A 596 13.15 -24.01 -25.37
CA VAL A 596 14.05 -23.74 -26.49
C VAL A 596 14.10 -22.24 -26.77
N PHE A 597 12.94 -21.58 -26.77
CA PHE A 597 12.92 -20.15 -27.00
C PHE A 597 13.72 -19.42 -25.94
N PHE A 598 13.56 -19.82 -24.68
CA PHE A 598 14.28 -19.16 -23.61
C PHE A 598 15.78 -19.28 -23.81
N ALA A 599 16.25 -20.48 -24.17
CA ALA A 599 17.68 -20.66 -24.39
C ALA A 599 18.18 -19.81 -25.56
N LEU A 600 17.47 -19.88 -26.69
CA LEU A 600 17.94 -19.17 -27.88
C LEU A 600 17.91 -17.66 -27.66
N ALA A 601 16.85 -17.15 -27.04
CA ALA A 601 16.78 -15.74 -26.73
C ALA A 601 17.91 -15.35 -25.78
N TYR A 602 18.20 -16.19 -24.79
CA TYR A 602 19.28 -15.88 -23.87
C TYR A 602 20.60 -15.71 -24.62
N ILE A 603 20.93 -16.67 -25.48
CA ILE A 603 22.21 -16.60 -26.17
C ILE A 603 22.27 -15.40 -27.11
N VAL A 604 21.21 -15.17 -27.90
CA VAL A 604 21.26 -14.09 -28.87
C VAL A 604 21.30 -12.74 -28.16
N TYR A 605 20.45 -12.55 -27.16
CA TYR A 605 20.45 -11.29 -26.44
C TYR A 605 21.72 -11.08 -25.65
N ARG A 606 22.39 -12.16 -25.21
CA ARG A 606 23.68 -11.98 -24.58
C ARG A 606 24.71 -11.46 -25.57
N HIS A 607 24.72 -12.03 -26.78
CA HIS A 607 25.62 -11.49 -27.80
C HIS A 607 25.31 -10.03 -28.09
N GLN A 608 24.02 -9.71 -28.17
CA GLN A 608 23.60 -8.33 -28.41
C GLN A 608 24.06 -7.40 -27.30
N ILE A 609 23.89 -7.81 -26.04
CA ILE A 609 24.35 -6.97 -24.94
C ILE A 609 25.85 -6.79 -24.99
N ILE A 610 26.57 -7.85 -25.37
CA ILE A 610 28.03 -7.77 -25.41
C ILE A 610 28.50 -6.78 -26.45
N ASN A 611 27.92 -6.83 -27.65
CA ASN A 611 28.54 -6.17 -28.79
C ASN A 611 27.80 -4.94 -29.30
N VAL A 612 26.50 -4.83 -29.03
CA VAL A 612 25.67 -3.73 -29.51
C VAL A 612 24.79 -3.24 -28.36
N TYR A 613 23.82 -2.39 -28.68
CA TYR A 613 22.75 -2.00 -27.75
C TYR A 613 23.29 -1.22 -26.56
N ASN A 614 23.83 -0.05 -26.87
CA ASN A 614 24.10 0.94 -25.81
C ASN A 614 22.80 1.36 -25.15
N GLN A 615 22.81 1.44 -23.82
CA GLN A 615 21.61 1.79 -23.08
C GLN A 615 21.35 3.29 -23.17
N GLU A 616 20.07 3.66 -23.28
CA GLU A 616 19.69 5.06 -23.25
C GLU A 616 19.74 5.62 -21.83
N TYR A 617 19.25 4.86 -20.86
CA TYR A 617 19.17 5.33 -19.48
C TYR A 617 19.71 4.26 -18.57
N GLU A 618 20.28 4.69 -17.45
CA GLU A 618 20.85 3.77 -16.46
C GLU A 618 19.99 3.80 -15.21
N SER A 619 18.98 2.94 -15.16
CA SER A 619 18.25 2.66 -13.95
C SER A 619 18.93 1.52 -13.21
N ALA A 620 18.62 1.38 -11.93
CA ALA A 620 19.18 0.29 -11.14
C ALA A 620 18.18 -0.87 -11.05
N ALA A 621 17.76 -1.34 -12.23
CA ALA A 621 16.79 -2.43 -12.34
C ALA A 621 15.53 -2.13 -11.54
N ALA A 622 15.05 -0.90 -11.65
CA ALA A 622 13.85 -0.51 -10.91
C ALA A 622 12.61 -1.25 -11.40
N PHE A 623 12.70 -1.95 -12.53
CA PHE A 623 11.54 -2.64 -13.09
C PHE A 623 11.37 -4.06 -12.55
N TRP A 624 12.33 -4.55 -11.77
CA TRP A 624 12.21 -5.92 -11.28
C TRP A 624 10.97 -6.13 -10.42
N PRO A 625 10.57 -5.20 -9.55
CA PRO A 625 9.29 -5.39 -8.85
C PRO A 625 8.13 -5.57 -9.81
N ASP A 626 8.11 -4.81 -10.91
CA ASP A 626 7.05 -4.99 -11.89
C ASP A 626 7.12 -6.37 -12.52
N VAL A 627 8.32 -6.82 -12.87
CA VAL A 627 8.45 -8.13 -13.52
C VAL A 627 7.98 -9.24 -12.59
N HIS A 628 8.39 -9.17 -11.33
CA HIS A 628 7.97 -10.18 -10.35
C HIS A 628 6.47 -10.14 -10.12
N GLY A 629 5.90 -8.95 -10.01
CA GLY A 629 4.45 -8.85 -9.86
C GLY A 629 3.73 -9.45 -11.04
N ARG A 630 4.24 -9.21 -12.25
CA ARG A 630 3.62 -9.78 -13.44
C ARG A 630 3.70 -11.30 -13.43
N VAL A 631 4.83 -11.86 -13.01
CA VAL A 631 4.94 -13.31 -12.94
C VAL A 631 3.95 -13.87 -11.92
N ILE A 632 3.81 -13.20 -10.78
CA ILE A 632 2.84 -13.67 -9.78
C ILE A 632 1.43 -13.59 -10.32
N ALA A 633 1.11 -12.52 -11.05
CA ALA A 633 -0.22 -12.41 -11.65
C ALA A 633 -0.46 -13.53 -12.65
N ALA A 634 0.56 -13.86 -13.45
CA ALA A 634 0.43 -14.98 -14.37
C ALA A 634 0.19 -16.28 -13.61
N LEU A 635 0.87 -16.46 -12.48
CA LEU A 635 0.67 -17.67 -11.69
C LEU A 635 -0.76 -17.75 -11.18
N VAL A 636 -1.29 -16.64 -10.68
CA VAL A 636 -2.67 -16.62 -10.18
C VAL A 636 -3.63 -16.93 -11.31
N ILE A 637 -3.42 -16.34 -12.48
CA ILE A 637 -4.30 -16.60 -13.62
C ILE A 637 -4.25 -18.07 -13.99
N SER A 638 -3.06 -18.66 -13.97
CA SER A 638 -2.95 -20.08 -14.30
C SER A 638 -3.72 -20.93 -13.31
N GLN A 639 -3.63 -20.59 -12.02
CA GLN A 639 -4.37 -21.35 -11.02
C GLN A 639 -5.87 -21.22 -11.23
N LEU A 640 -6.34 -20.01 -11.54
CA LEU A 640 -7.77 -19.80 -11.74
C LEU A 640 -8.28 -20.57 -12.96
N LEU A 641 -7.54 -20.53 -14.06
CA LEU A 641 -7.96 -21.29 -15.24
C LEU A 641 -7.89 -22.79 -14.97
N LEU A 642 -6.92 -23.24 -14.18
CA LEU A 642 -6.92 -24.66 -13.81
C LEU A 642 -8.18 -25.03 -13.03
N MET A 643 -8.57 -24.16 -12.09
CA MET A 643 -9.80 -24.40 -11.35
C MET A 643 -11.01 -24.45 -12.27
N GLY A 644 -11.07 -23.52 -13.24
CA GLY A 644 -12.19 -23.51 -14.16
C GLY A 644 -12.25 -24.74 -15.03
N LEU A 645 -11.12 -25.14 -15.61
CA LEU A 645 -11.09 -26.33 -16.47
C LEU A 645 -11.42 -27.59 -15.70
N LEU A 646 -10.84 -27.75 -14.51
CA LEU A 646 -11.09 -28.94 -13.71
C LEU A 646 -12.46 -28.92 -13.05
N GLY A 647 -13.11 -27.77 -12.99
CA GLY A 647 -14.43 -27.69 -12.41
C GLY A 647 -15.55 -28.12 -13.32
N THR A 648 -15.25 -28.48 -14.57
CA THR A 648 -16.26 -28.95 -15.50
C THR A 648 -16.58 -30.43 -15.36
N LYS A 649 -15.59 -31.27 -15.07
CA LYS A 649 -15.83 -32.69 -14.92
C LYS A 649 -16.57 -32.97 -13.63
N HIS A 650 -17.53 -33.89 -13.68
CA HIS A 650 -18.34 -34.24 -12.52
C HIS A 650 -17.48 -34.87 -11.44
N ALA A 651 -17.89 -34.67 -10.18
CA ALA A 651 -17.16 -35.19 -9.02
C ALA A 651 -15.72 -34.68 -8.99
N ALA A 652 -15.56 -33.39 -9.30
CA ALA A 652 -14.22 -32.81 -9.30
C ALA A 652 -13.68 -32.64 -7.88
N LEU A 653 -14.36 -31.87 -7.04
CA LEU A 653 -13.94 -31.62 -5.66
C LEU A 653 -12.55 -31.00 -5.59
N ALA A 654 -12.18 -30.22 -6.61
CA ALA A 654 -10.91 -29.53 -6.64
C ALA A 654 -10.99 -28.11 -6.12
N ALA A 655 -12.20 -27.58 -5.93
CA ALA A 655 -12.35 -26.22 -5.40
C ALA A 655 -11.69 -26.03 -4.04
N PRO A 656 -11.87 -26.90 -3.05
CA PRO A 656 -11.27 -26.63 -1.73
C PRO A 656 -9.75 -26.58 -1.71
N PHE A 657 -9.09 -26.84 -2.84
CA PHE A 657 -7.65 -26.68 -2.96
C PHE A 657 -7.26 -25.59 -3.95
N LEU A 658 -7.97 -25.50 -5.07
CA LEU A 658 -7.69 -24.48 -6.06
C LEU A 658 -8.23 -23.12 -5.68
N ILE A 659 -8.97 -23.03 -4.57
CA ILE A 659 -9.25 -21.71 -4.02
C ILE A 659 -8.22 -21.36 -2.96
N ALA A 660 -7.59 -22.37 -2.35
CA ALA A 660 -6.56 -22.09 -1.37
C ALA A 660 -5.24 -21.69 -2.01
N LEU A 661 -4.92 -22.27 -3.17
CA LEU A 661 -3.67 -21.92 -3.85
C LEU A 661 -3.54 -20.42 -4.15
N PRO A 662 -4.52 -19.74 -4.73
CA PRO A 662 -4.33 -18.30 -4.99
C PRO A 662 -4.09 -17.51 -3.73
N VAL A 663 -4.72 -17.89 -2.62
CA VAL A 663 -4.47 -17.20 -1.36
C VAL A 663 -3.02 -17.37 -0.94
N LEU A 664 -2.50 -18.60 -1.07
CA LEU A 664 -1.10 -18.84 -0.72
C LEU A 664 -0.17 -18.02 -1.61
N THR A 665 -0.46 -17.95 -2.91
CA THR A 665 0.39 -17.17 -3.81
C THR A 665 0.37 -15.70 -3.46
N ILE A 666 -0.81 -15.15 -3.18
CA ILE A 666 -0.89 -13.73 -2.82
C ILE A 666 -0.15 -13.48 -1.51
N GLY A 667 -0.27 -14.38 -0.54
CA GLY A 667 0.46 -14.22 0.70
C GLY A 667 1.96 -14.24 0.48
N PHE A 668 2.43 -15.15 -0.36
CA PHE A 668 3.86 -15.19 -0.66
C PHE A 668 4.32 -13.91 -1.34
N HIS A 669 3.50 -13.39 -2.25
CA HIS A 669 3.86 -12.13 -2.90
C HIS A 669 3.93 -10.99 -1.90
N HIS A 670 2.99 -10.95 -0.95
CA HIS A 670 3.04 -9.91 0.07
C HIS A 670 4.28 -10.03 0.93
N PHE A 671 4.66 -11.26 1.28
CA PHE A 671 5.87 -11.43 2.08
C PHE A 671 7.10 -10.95 1.31
N CYS A 672 7.19 -11.33 0.02
CA CYS A 672 8.32 -10.87 -0.77
C CYS A 672 8.34 -9.36 -0.89
N LYS A 673 7.17 -8.76 -1.10
CA LYS A 673 7.06 -7.31 -1.12
C LYS A 673 7.70 -6.72 0.13
N GLY A 674 7.13 -7.04 1.29
CA GLY A 674 7.59 -6.45 2.53
C GLY A 674 9.01 -6.82 2.92
N ARG A 675 9.55 -7.90 2.34
CA ARG A 675 10.87 -8.35 2.75
C ARG A 675 11.98 -7.85 1.82
N TYR A 676 11.67 -7.54 0.57
CA TYR A 676 12.70 -7.09 -0.36
C TYR A 676 12.41 -5.78 -1.08
N GLU A 677 11.19 -5.54 -1.52
CA GLU A 677 10.95 -4.38 -2.39
C GLU A 677 11.41 -3.05 -1.81
N PRO A 678 11.49 -2.86 -0.49
CA PRO A 678 12.15 -1.65 0.02
C PRO A 678 13.52 -1.39 -0.59
N ALA A 679 14.30 -2.44 -0.88
CA ALA A 679 15.59 -2.22 -1.51
C ALA A 679 15.46 -1.58 -2.89
N PHE A 680 14.30 -1.70 -3.55
CA PHE A 680 14.08 -1.08 -4.84
C PHE A 680 13.38 0.26 -4.77
N ILE A 681 12.46 0.46 -3.82
CA ILE A 681 11.65 1.67 -3.79
C ILE A 681 12.07 2.65 -2.72
N ARG A 682 13.07 2.33 -1.90
CA ARG A 682 13.52 3.23 -0.84
C ARG A 682 15.04 3.24 -0.81
N TYR A 683 15.61 4.34 -0.32
CA TYR A 683 17.06 4.48 -0.31
C TYR A 683 17.57 4.52 1.13
N PRO A 684 18.20 3.47 1.63
CA PRO A 684 18.63 3.46 3.03
C PRO A 684 19.62 4.57 3.35
N LEU A 685 19.36 5.26 4.45
CA LEU A 685 20.17 6.42 4.82
C LEU A 685 21.59 6.01 5.20
N GLN A 686 21.77 4.84 5.81
CA GLN A 686 23.13 4.41 6.11
C GLN A 686 23.93 4.21 4.84
N GLU A 687 23.31 3.60 3.81
CA GLU A 687 23.99 3.46 2.53
C GLU A 687 24.32 4.82 1.94
N ALA A 688 23.38 5.76 2.00
CA ALA A 688 23.64 7.08 1.47
C ALA A 688 24.82 7.75 2.18
N MET A 689 24.83 7.65 3.52
CA MET A 689 25.91 8.28 4.28
C MET A 689 27.25 7.61 4.02
N MET A 690 27.25 6.28 3.89
CA MET A 690 28.50 5.58 3.59
C MET A 690 29.04 6.00 2.22
N LYS A 691 28.17 6.04 1.21
CA LYS A 691 28.59 6.49 -0.10
C LYS A 691 29.16 7.90 -0.04
N ASP A 692 28.47 8.79 0.68
CA ASP A 692 28.93 10.17 0.78
C ASP A 692 30.29 10.24 1.46
N THR A 693 30.47 9.50 2.55
CA THR A 693 31.73 9.55 3.28
C THR A 693 32.87 9.05 2.41
N LEU A 694 32.66 7.92 1.71
CA LEU A 694 33.71 7.39 0.85
C LEU A 694 34.05 8.39 -0.25
N GLU A 695 33.04 8.99 -0.87
CA GLU A 695 33.30 9.93 -1.96
C GLU A 695 34.05 11.16 -1.47
N THR A 696 33.66 11.71 -0.32
CA THR A 696 34.32 12.92 0.16
C THR A 696 35.71 12.61 0.66
N ALA A 697 35.96 11.37 1.11
CA ALA A 697 37.32 10.98 1.45
C ALA A 697 38.17 10.85 0.19
N ARG A 698 37.61 10.26 -0.87
CA ARG A 698 38.38 10.07 -2.10
C ARG A 698 38.68 11.40 -2.77
N GLU A 699 37.74 12.33 -2.76
CA GLU A 699 37.91 13.65 -3.38
C GLU A 699 37.52 14.73 -2.38
N PRO A 700 38.45 15.17 -1.53
CA PRO A 700 38.14 16.21 -0.55
C PRO A 700 37.99 17.60 -1.15
N ASN A 701 38.21 17.76 -2.44
CA ASN A 701 38.18 19.07 -3.11
C ASN A 701 37.24 19.03 -4.31
N LEU A 702 36.05 18.49 -4.12
CA LEU A 702 35.09 18.36 -5.21
C LEU A 702 34.16 19.55 -5.23
N ASN A 703 34.15 20.28 -6.34
CA ASN A 703 33.30 21.46 -6.51
C ASN A 703 31.91 21.01 -6.92
N LEU A 704 31.14 20.58 -5.92
CA LEU A 704 29.81 20.02 -6.19
C LEU A 704 28.88 21.07 -6.77
N LYS A 705 28.94 22.30 -6.25
CA LYS A 705 28.05 23.35 -6.75
C LYS A 705 28.33 23.66 -8.20
N GLY A 706 29.61 23.78 -8.57
CA GLY A 706 29.95 23.98 -9.97
C GLY A 706 29.58 22.79 -10.83
N TYR A 707 29.66 21.59 -10.27
CA TYR A 707 29.30 20.40 -11.02
C TYR A 707 27.81 20.35 -11.30
N LEU A 708 27.00 20.90 -10.40
CA LEU A 708 25.55 20.73 -10.50
C LEU A 708 24.81 21.93 -11.07
N GLN A 709 25.33 23.16 -10.93
CA GLN A 709 24.54 24.32 -11.28
C GLN A 709 24.23 24.37 -12.77
N ASN A 710 25.20 24.03 -13.62
CA ASN A 710 24.98 24.13 -15.06
C ASN A 710 24.35 22.87 -15.65
N ALA A 711 24.22 21.81 -14.87
CA ALA A 711 23.52 20.62 -15.34
C ALA A 711 22.01 20.83 -15.19
N TYR A 712 21.26 19.90 -15.76
CA TYR A 712 19.80 19.86 -15.60
C TYR A 712 19.14 21.11 -16.17
N VAL A 713 19.74 21.72 -17.18
CA VAL A 713 19.19 22.98 -17.67
C VAL A 713 18.19 22.71 -18.78
N HIS A 714 18.68 22.22 -19.91
CA HIS A 714 17.87 21.76 -21.02
C HIS A 714 18.80 21.25 -22.12
N PRO A 715 18.38 20.29 -22.94
CA PRO A 715 19.17 19.96 -24.13
C PRO A 715 19.31 21.12 -25.08
N VAL A 716 18.29 21.98 -25.16
CA VAL A 716 18.30 23.07 -26.14
C VAL A 716 19.32 24.12 -25.76
N PHE A 717 19.37 24.51 -24.49
CA PHE A 717 20.28 25.57 -24.05
C PHE A 717 21.67 24.99 -23.79
N LYS A 718 22.07 24.07 -24.67
CA LYS A 718 23.36 23.40 -24.60
C LYS A 718 23.64 22.82 -23.22
N THR B 3 -43.44 -8.49 14.85
CA THR B 3 -44.23 -8.44 16.08
C THR B 3 -44.29 -7.01 16.63
N LEU B 4 -45.25 -6.24 16.11
CA LEU B 4 -45.35 -4.84 16.49
C LEU B 4 -45.61 -4.69 17.98
N GLN B 5 -46.42 -5.57 18.55
CA GLN B 5 -46.72 -5.47 19.98
C GLN B 5 -45.48 -5.75 20.83
N ASP B 6 -44.66 -6.72 20.43
CA ASP B 6 -43.43 -7.00 21.17
C ASP B 6 -42.46 -5.84 21.05
N ILE B 7 -42.35 -5.25 19.85
CA ILE B 7 -41.49 -4.09 19.68
C ILE B 7 -41.97 -2.95 20.57
N GLY B 8 -43.29 -2.74 20.62
CA GLY B 8 -43.83 -1.67 21.44
C GLY B 8 -43.57 -1.87 22.92
N VAL B 9 -43.78 -3.10 23.41
CA VAL B 9 -43.58 -3.34 24.84
C VAL B 9 -42.11 -3.27 25.19
N SER B 10 -41.23 -3.74 24.30
CA SER B 10 -39.80 -3.61 24.55
C SER B 10 -39.38 -2.15 24.61
N ALA B 11 -39.86 -1.35 23.66
CA ALA B 11 -39.54 0.08 23.67
C ALA B 11 -40.06 0.73 24.94
N GLY B 12 -41.29 0.39 25.34
CA GLY B 12 -41.84 0.98 26.55
C GLY B 12 -41.05 0.62 27.79
N ILE B 13 -40.71 -0.65 27.95
CA ILE B 13 -39.98 -1.07 29.15
C ILE B 13 -38.59 -0.46 29.16
N ASN B 14 -37.96 -0.32 27.99
CA ASN B 14 -36.65 0.31 27.95
C ASN B 14 -36.75 1.80 28.25
N ILE B 15 -37.83 2.44 27.83
CA ILE B 15 -38.03 3.85 28.17
C ILE B 15 -38.19 4.00 29.68
N LEU B 16 -38.96 3.11 30.31
CA LEU B 16 -39.09 3.17 31.76
C LEU B 16 -37.74 2.94 32.43
N SER B 17 -36.96 1.98 31.93
CA SER B 17 -35.65 1.72 32.51
C SER B 17 -34.74 2.93 32.39
N ALA B 18 -34.73 3.58 31.21
CA ALA B 18 -33.90 4.76 31.03
C ALA B 18 -34.34 5.88 31.95
N PHE B 19 -35.65 6.10 32.07
CA PHE B 19 -36.14 7.17 32.92
C PHE B 19 -35.79 6.92 34.38
N VAL B 20 -35.91 5.66 34.81
CA VAL B 20 -35.51 5.30 36.17
C VAL B 20 -34.01 5.54 36.36
N PHE B 21 -33.20 5.17 35.37
CA PHE B 21 -31.77 5.39 35.47
C PHE B 21 -31.45 6.87 35.60
N PHE B 22 -32.14 7.71 34.84
CA PHE B 22 -31.89 9.15 34.92
C PHE B 22 -32.34 9.70 36.26
N ILE B 23 -33.45 9.18 36.81
CA ILE B 23 -33.89 9.60 38.13
C ILE B 23 -32.85 9.26 39.18
N ILE B 24 -32.32 8.03 39.13
CA ILE B 24 -31.31 7.62 40.09
C ILE B 24 -30.06 8.47 39.93
N PHE B 25 -29.68 8.77 38.69
CA PHE B 25 -28.52 9.63 38.46
C PHE B 25 -28.75 11.01 39.06
N ALA B 26 -29.95 11.57 38.89
CA ALA B 26 -30.24 12.88 39.46
C ALA B 26 -30.16 12.84 40.98
N VAL B 27 -30.68 11.77 41.59
CA VAL B 27 -30.63 11.65 43.04
C VAL B 27 -29.18 11.58 43.51
N LEU B 28 -28.36 10.79 42.83
CA LEU B 28 -26.99 10.61 43.27
C LEU B 28 -26.14 11.86 43.04
N ARG B 29 -26.39 12.58 41.94
CA ARG B 29 -25.55 13.71 41.59
C ARG B 29 -25.67 14.83 42.61
N LEU B 30 -26.87 15.09 43.11
CA LEU B 30 -27.05 16.16 44.10
C LEU B 30 -26.52 15.77 45.47
N GLN B 31 -26.30 14.49 45.73
CA GLN B 31 -25.69 14.09 46.98
C GLN B 31 -24.21 14.48 46.97
N PRO B 32 -23.68 14.89 48.11
CA PRO B 32 -22.35 15.52 48.11
C PRO B 32 -21.18 14.55 48.21
N PHE B 33 -21.37 13.39 48.82
CA PHE B 33 -20.24 12.52 49.11
C PHE B 33 -19.83 11.64 47.93
N ASN B 34 -20.64 11.54 46.88
CA ASN B 34 -20.22 10.87 45.67
C ASN B 34 -19.80 11.86 44.58
N ASP B 35 -19.60 13.12 44.96
CA ASP B 35 -19.05 14.11 44.05
C ASP B 35 -17.68 13.66 43.55
N ARG B 36 -16.91 12.99 44.39
CA ARG B 36 -15.61 12.49 44.01
C ARG B 36 -15.66 11.60 42.78
N VAL B 37 -16.69 10.77 42.64
CA VAL B 37 -16.75 9.84 41.52
C VAL B 37 -17.59 10.41 40.38
N TYR B 38 -18.57 11.24 40.69
CA TYR B 38 -19.38 11.80 39.60
C TYR B 38 -18.76 13.04 38.98
N PHE B 39 -17.66 13.54 39.52
CA PHE B 39 -16.92 14.66 38.98
C PHE B 39 -15.43 14.35 39.00
N SER B 40 -15.07 13.18 38.46
CA SER B 40 -13.66 12.78 38.46
C SER B 40 -12.81 13.81 37.73
N LYS B 41 -13.25 14.29 36.57
CA LYS B 41 -12.62 15.48 36.02
C LYS B 41 -13.16 16.71 36.75
N TRP B 42 -12.44 17.82 36.58
CA TRP B 42 -12.54 19.01 37.42
C TRP B 42 -11.91 18.73 38.77
N TYR B 43 -11.49 17.49 38.98
CA TYR B 43 -10.75 17.09 40.17
C TYR B 43 -9.33 16.66 39.86
N LEU B 44 -9.15 15.81 38.84
CA LEU B 44 -7.83 15.50 38.35
C LEU B 44 -7.16 16.71 37.72
N LYS B 45 -7.95 17.68 37.29
CA LYS B 45 -7.43 18.93 36.75
C LYS B 45 -7.26 20.00 37.82
N GLY B 46 -7.71 19.74 39.05
CA GLY B 46 -7.53 20.66 40.15
C GLY B 46 -8.42 21.90 40.08
N LEU B 47 -9.74 21.70 39.97
CA LEU B 47 -10.67 22.81 39.86
C LEU B 47 -11.74 22.86 40.94
N ARG B 48 -12.09 21.73 41.55
CA ARG B 48 -13.20 21.69 42.49
C ARG B 48 -12.81 20.90 43.71
N SER B 49 -13.51 21.18 44.81
CA SER B 49 -13.31 20.48 46.08
C SER B 49 -14.65 20.32 46.78
N SER B 50 -14.69 19.44 47.77
CA SER B 50 -15.87 19.19 48.60
C SER B 50 -17.11 18.90 47.76
N LYS B 71 -36.43 20.13 36.37
CA LYS B 71 -35.95 20.16 37.75
C LYS B 71 -34.61 19.47 37.88
N PHE B 72 -34.48 18.31 37.23
CA PHE B 72 -33.33 17.44 37.37
C PHE B 72 -32.59 17.22 36.07
N LEU B 73 -33.30 17.22 34.95
CA LEU B 73 -32.74 16.79 33.67
C LEU B 73 -32.12 17.97 32.92
N ASN B 74 -31.89 19.07 33.62
CA ASN B 74 -31.24 20.23 33.02
C ASN B 74 -29.79 19.96 32.64
N TRP B 75 -29.21 18.85 33.12
CA TRP B 75 -27.86 18.51 32.72
C TRP B 75 -27.77 18.24 31.22
N MET B 76 -28.84 17.74 30.61
CA MET B 76 -28.80 17.51 29.16
C MET B 76 -28.55 18.80 28.39
N PRO B 77 -29.31 19.88 28.58
CA PRO B 77 -28.94 21.12 27.88
C PRO B 77 -27.72 21.80 28.45
N GLU B 78 -27.37 21.55 29.72
CA GLU B 78 -26.12 22.10 30.23
C GLU B 78 -24.91 21.48 29.54
N ALA B 79 -25.05 20.25 29.04
CA ALA B 79 -23.95 19.58 28.37
C ALA B 79 -23.60 20.20 27.02
N LEU B 80 -24.55 20.88 26.37
CA LEU B 80 -24.28 21.44 25.05
C LEU B 80 -23.38 22.67 25.08
N LYS B 81 -23.14 23.25 26.25
CA LYS B 81 -22.29 24.43 26.34
C LYS B 81 -20.84 24.03 26.13
N MET B 82 -19.92 24.98 26.32
CA MET B 82 -18.49 24.72 26.27
C MET B 82 -18.14 24.15 24.91
N PRO B 83 -18.11 24.98 23.87
CA PRO B 83 -17.98 24.49 22.49
C PRO B 83 -16.64 23.83 22.22
N GLU B 84 -16.45 23.47 20.95
CA GLU B 84 -15.36 22.59 20.53
C GLU B 84 -13.96 23.00 21.00
N PRO B 85 -13.53 24.25 20.89
CA PRO B 85 -12.15 24.56 21.34
C PRO B 85 -11.94 24.31 22.83
N GLU B 86 -12.86 24.80 23.67
CA GLU B 86 -12.74 24.55 25.10
C GLU B 86 -12.84 23.07 25.39
N LEU B 87 -13.72 22.35 24.71
CA LEU B 87 -13.83 20.91 24.93
C LEU B 87 -12.53 20.20 24.55
N ILE B 88 -11.92 20.59 23.44
CA ILE B 88 -10.67 19.98 23.02
C ILE B 88 -9.61 20.19 24.08
N ASP B 89 -9.40 21.45 24.49
CA ASP B 89 -8.36 21.74 25.46
C ASP B 89 -8.65 21.09 26.80
N HIS B 90 -9.93 20.91 27.14
CA HIS B 90 -10.31 20.33 28.42
C HIS B 90 -10.08 18.82 28.44
N ALA B 91 -10.44 18.13 27.37
CA ALA B 91 -10.45 16.67 27.37
C ALA B 91 -9.33 16.07 26.54
N GLY B 92 -9.23 16.43 25.27
CA GLY B 92 -8.35 15.74 24.34
C GLY B 92 -9.01 15.56 22.99
N LEU B 93 -8.20 15.63 21.94
CA LEU B 93 -8.76 15.51 20.60
C LEU B 93 -9.24 14.09 20.31
N ASP B 94 -8.64 13.09 20.94
CA ASP B 94 -9.21 11.74 20.83
C ASP B 94 -10.63 11.71 21.34
N SER B 95 -10.87 12.29 22.52
CA SER B 95 -12.21 12.33 23.06
C SER B 95 -13.15 13.09 22.15
N VAL B 96 -12.70 14.24 21.64
CA VAL B 96 -13.58 15.07 20.82
C VAL B 96 -13.95 14.35 19.53
N VAL B 97 -12.97 13.70 18.88
CA VAL B 97 -13.25 12.99 17.64
C VAL B 97 -14.17 11.79 17.91
N TYR B 98 -13.90 11.06 18.98
CA TYR B 98 -14.77 9.94 19.32
C TYR B 98 -16.20 10.42 19.54
N LEU B 99 -16.36 11.58 20.18
CA LEU B 99 -17.68 12.16 20.32
C LEU B 99 -18.27 12.51 18.97
N ARG B 100 -17.47 13.09 18.08
CA ARG B 100 -17.96 13.47 16.76
C ARG B 100 -18.35 12.27 15.92
N ILE B 101 -17.91 11.06 16.30
CA ILE B 101 -18.35 9.89 15.55
C ILE B 101 -19.87 9.76 15.59
N TYR B 102 -20.47 10.00 16.76
CA TYR B 102 -21.93 9.95 16.86
C TYR B 102 -22.59 11.03 16.01
N TRP B 103 -22.01 12.24 16.00
CA TRP B 103 -22.55 13.29 15.14
C TRP B 103 -22.47 12.89 13.69
N LEU B 104 -21.38 12.23 13.30
CA LEU B 104 -21.28 11.70 11.94
C LEU B 104 -22.37 10.70 11.67
N GLY B 105 -22.66 9.85 12.64
CA GLY B 105 -23.76 8.91 12.48
C GLY B 105 -25.09 9.61 12.25
N LEU B 106 -25.35 10.66 13.01
CA LEU B 106 -26.58 11.42 12.81
C LEU B 106 -26.61 12.04 11.42
N LYS B 107 -25.49 12.61 10.98
CA LYS B 107 -25.46 13.23 9.66
C LYS B 107 -25.70 12.22 8.56
N ILE B 108 -25.18 11.01 8.72
CA ILE B 108 -25.37 9.99 7.69
C ILE B 108 -26.80 9.50 7.68
N PHE B 109 -27.37 9.23 8.85
CA PHE B 109 -28.64 8.49 8.91
C PHE B 109 -29.87 9.35 9.12
N THR B 110 -29.74 10.67 9.21
CA THR B 110 -30.98 11.43 9.25
C THR B 110 -31.62 11.52 7.87
N PRO B 111 -30.94 12.08 6.85
CA PRO B 111 -31.58 12.16 5.54
C PRO B 111 -31.88 10.80 4.95
N ILE B 112 -31.02 9.81 5.17
CA ILE B 112 -31.32 8.47 4.67
C ILE B 112 -32.62 7.97 5.26
N ALA B 113 -32.80 8.14 6.57
CA ALA B 113 -34.02 7.67 7.21
C ALA B 113 -35.24 8.39 6.68
N VAL B 114 -35.19 9.72 6.61
CA VAL B 114 -36.37 10.47 6.21
C VAL B 114 -36.73 10.16 4.76
N LEU B 115 -35.72 10.06 3.89
CA LEU B 115 -35.98 9.79 2.48
C LEU B 115 -36.51 8.37 2.30
N ALA B 116 -35.96 7.41 3.05
CA ALA B 116 -36.44 6.04 2.94
C ALA B 116 -37.88 5.92 3.39
N TRP B 117 -38.22 6.57 4.51
CA TRP B 117 -39.60 6.55 4.97
C TRP B 117 -40.52 7.21 3.96
N ALA B 118 -40.08 8.32 3.37
CA ALA B 118 -40.92 9.03 2.40
C ALA B 118 -41.14 8.21 1.14
N VAL B 119 -40.13 7.43 0.72
CA VAL B 119 -40.27 6.66 -0.51
C VAL B 119 -40.93 5.30 -0.28
N LEU B 120 -40.98 4.81 0.96
CA LEU B 120 -41.69 3.58 1.24
C LEU B 120 -43.13 3.79 1.70
N VAL B 121 -43.47 4.95 2.25
CA VAL B 121 -44.84 5.26 2.66
C VAL B 121 -45.35 6.36 1.73
N PRO B 122 -46.47 6.15 1.02
CA PRO B 122 -47.00 7.14 0.07
C PRO B 122 -47.55 8.38 0.76
N SER B 156 -42.30 -4.53 -10.87
CA SER B 156 -40.86 -4.45 -11.06
C SER B 156 -40.32 -3.08 -10.67
N MET B 157 -41.24 -2.11 -10.55
CA MET B 157 -40.83 -0.78 -10.12
C MET B 157 -40.21 -0.79 -8.74
N ARG B 158 -40.61 -1.75 -7.90
CA ARG B 158 -40.02 -1.88 -6.57
C ARG B 158 -38.51 -2.07 -6.66
N PHE B 159 -38.06 -2.94 -7.56
CA PHE B 159 -36.65 -3.27 -7.65
C PHE B 159 -35.83 -2.05 -8.07
N TRP B 160 -36.22 -1.40 -9.16
CA TRP B 160 -35.49 -0.23 -9.62
C TRP B 160 -35.56 0.90 -8.60
N THR B 161 -36.69 1.05 -7.92
CA THR B 161 -36.79 2.03 -6.85
C THR B 161 -35.74 1.77 -5.79
N HIS B 162 -35.62 0.52 -5.35
CA HIS B 162 -34.61 0.18 -4.35
C HIS B 162 -33.21 0.44 -4.87
N ILE B 163 -32.98 0.15 -6.15
CA ILE B 163 -31.64 0.35 -6.72
C ILE B 163 -31.26 1.83 -6.68
N VAL B 164 -32.18 2.69 -7.11
CA VAL B 164 -31.89 4.12 -7.10
C VAL B 164 -31.73 4.61 -5.66
N MET B 165 -32.51 4.07 -4.73
CA MET B 165 -32.36 4.45 -3.34
C MET B 165 -30.98 4.08 -2.82
N ALA B 166 -30.49 2.89 -3.20
CA ALA B 166 -29.15 2.47 -2.79
C ALA B 166 -28.10 3.40 -3.37
N TYR B 167 -28.26 3.78 -4.63
CA TYR B 167 -27.34 4.75 -5.24
C TYR B 167 -27.31 6.04 -4.44
N ALA B 168 -28.49 6.57 -4.09
CA ALA B 168 -28.55 7.81 -3.34
C ALA B 168 -27.90 7.67 -1.97
N PHE B 169 -28.18 6.56 -1.28
CA PHE B 169 -27.61 6.35 0.05
C PHE B 169 -26.10 6.27 -0.01
N THR B 170 -25.56 5.51 -0.98
CA THR B 170 -24.12 5.39 -1.09
C THR B 170 -23.49 6.74 -1.40
N ILE B 171 -24.08 7.51 -2.31
CA ILE B 171 -23.52 8.81 -2.64
C ILE B 171 -23.50 9.72 -1.41
N TRP B 172 -24.62 9.75 -0.67
CA TRP B 172 -24.67 10.63 0.50
C TRP B 172 -23.67 10.21 1.55
N THR B 173 -23.57 8.90 1.81
CA THR B 173 -22.62 8.43 2.81
C THR B 173 -21.19 8.78 2.41
N CYS B 174 -20.86 8.60 1.13
CA CYS B 174 -19.51 8.93 0.69
C CYS B 174 -19.23 10.41 0.85
N TYR B 175 -20.18 11.27 0.48
CA TYR B 175 -19.93 12.70 0.60
C TYR B 175 -19.74 13.10 2.06
N VAL B 176 -20.58 12.57 2.95
CA VAL B 176 -20.44 12.91 4.36
C VAL B 176 -19.12 12.41 4.90
N LEU B 177 -18.73 11.19 4.55
CA LEU B 177 -17.46 10.65 5.00
C LEU B 177 -16.30 11.51 4.52
N MET B 178 -16.35 11.96 3.27
CA MET B 178 -15.26 12.78 2.74
C MET B 178 -15.16 14.10 3.50
N LYS B 179 -16.29 14.76 3.70
CA LYS B 179 -16.25 16.05 4.39
C LYS B 179 -15.75 15.89 5.83
N GLU B 180 -16.26 14.88 6.54
CA GLU B 180 -15.82 14.67 7.92
C GLU B 180 -14.36 14.28 7.98
N TYR B 181 -13.89 13.49 7.02
CA TYR B 181 -12.49 13.13 6.95
C TYR B 181 -11.61 14.36 6.81
N GLU B 182 -11.97 15.26 5.91
CA GLU B 182 -11.19 16.47 5.73
C GLU B 182 -11.20 17.32 6.99
N THR B 183 -12.37 17.45 7.63
CA THR B 183 -12.45 18.24 8.85
C THR B 183 -11.59 17.66 9.95
N ILE B 184 -11.60 16.33 10.11
CA ILE B 184 -10.79 15.70 11.14
C ILE B 184 -9.31 15.87 10.83
N ALA B 185 -8.92 15.77 9.57
CA ALA B 185 -7.51 15.98 9.23
C ALA B 185 -7.08 17.40 9.58
N ASN B 186 -7.91 18.38 9.26
CA ASN B 186 -7.57 19.76 9.62
C ASN B 186 -7.46 19.94 11.12
N MET B 187 -8.39 19.35 11.87
CA MET B 187 -8.35 19.46 13.32
C MET B 187 -7.10 18.82 13.89
N ARG B 188 -6.72 17.66 13.38
CA ARG B 188 -5.51 17.00 13.86
C ARG B 188 -4.27 17.83 13.57
N LEU B 189 -4.16 18.36 12.35
CA LEU B 189 -2.99 19.16 12.04
C LEU B 189 -2.91 20.39 12.92
N GLN B 190 -4.05 21.06 13.12
CA GLN B 190 -4.06 22.24 13.98
C GLN B 190 -3.66 21.89 15.40
N PHE B 191 -4.21 20.81 15.94
CA PHE B 191 -3.89 20.43 17.32
C PHE B 191 -2.43 20.06 17.47
N VAL B 192 -1.89 19.30 16.52
CA VAL B 192 -0.48 18.92 16.59
C VAL B 192 0.41 20.15 16.52
N ALA B 193 0.04 21.11 15.68
CA ALA B 193 0.81 22.35 15.61
C ALA B 193 0.75 23.12 16.93
N SER B 194 -0.42 23.16 17.56
CA SER B 194 -0.58 23.96 18.77
C SER B 194 -0.17 23.22 20.05
N GLU B 195 0.18 21.95 19.95
CA GLU B 195 0.38 21.13 21.13
C GLU B 195 1.61 21.59 21.92
N ALA B 196 1.54 21.45 23.23
CA ALA B 196 2.67 21.78 24.09
C ALA B 196 3.77 20.73 23.94
N ARG B 197 4.91 21.00 24.56
CA ARG B 197 6.05 20.12 24.45
C ARG B 197 5.79 18.79 25.14
N ARG B 198 6.10 17.70 24.44
CA ARG B 198 6.05 16.35 25.00
C ARG B 198 7.28 15.58 24.56
N PRO B 199 7.80 14.69 25.40
CA PRO B 199 9.00 13.94 25.02
C PRO B 199 8.80 13.02 23.83
N ASP B 200 7.56 12.69 23.47
CA ASP B 200 7.34 11.80 22.33
C ASP B 200 7.52 12.50 20.99
N GLN B 201 7.58 13.82 20.97
CA GLN B 201 7.82 14.53 19.72
C GLN B 201 9.28 14.52 19.31
N PHE B 202 10.19 14.18 20.21
CA PHE B 202 11.60 14.13 19.89
C PHE B 202 12.19 12.73 19.91
N THR B 203 11.40 11.71 20.23
CA THR B 203 11.91 10.39 20.54
C THR B 203 11.40 9.37 19.53
N VAL B 204 12.25 8.40 19.21
CA VAL B 204 11.94 7.38 18.21
C VAL B 204 12.31 6.02 18.77
N LEU B 205 11.41 5.05 18.61
CA LEU B 205 11.62 3.69 19.09
C LEU B 205 12.31 2.86 18.02
N VAL B 206 13.53 2.44 18.30
CA VAL B 206 14.30 1.60 17.39
C VAL B 206 14.12 0.15 17.81
N ARG B 207 13.64 -0.68 16.90
CA ARG B 207 13.39 -2.09 17.18
C ARG B 207 14.42 -2.95 16.47
N ASN B 208 14.72 -4.11 17.07
CA ASN B 208 15.50 -5.16 16.42
C ASN B 208 16.89 -4.67 16.02
N VAL B 209 17.63 -4.16 16.99
CA VAL B 209 19.02 -3.81 16.78
C VAL B 209 19.77 -5.11 16.54
N PRO B 210 20.58 -5.22 15.49
CA PRO B 210 21.28 -6.47 15.22
C PRO B 210 22.28 -6.77 16.30
N PRO B 211 22.33 -8.01 16.78
CA PRO B 211 23.24 -8.35 17.87
C PRO B 211 24.68 -8.31 17.42
N ASP B 212 25.56 -8.04 18.39
CA ASP B 212 27.00 -8.05 18.15
C ASP B 212 27.67 -8.86 19.24
N ALA B 213 28.81 -9.47 18.88
CA ALA B 213 29.53 -10.30 19.84
C ALA B 213 30.11 -9.46 20.97
N ASP B 214 30.69 -8.31 20.63
CA ASP B 214 31.44 -7.53 21.61
C ASP B 214 30.77 -6.21 21.99
N GLU B 215 29.99 -5.62 21.09
CA GLU B 215 29.37 -4.33 21.36
C GLU B 215 28.05 -4.49 22.08
N SER B 216 27.84 -3.70 23.12
CA SER B 216 26.56 -3.70 23.80
C SER B 216 25.53 -2.98 22.95
N VAL B 217 24.26 -3.14 23.32
CA VAL B 217 23.20 -2.49 22.56
C VAL B 217 23.33 -0.98 22.63
N SER B 218 23.68 -0.45 23.81
CA SER B 218 23.85 0.98 23.96
C SER B 218 24.99 1.49 23.08
N GLU B 219 26.12 0.78 23.08
CA GLU B 219 27.25 1.18 22.25
C GLU B 219 26.88 1.15 20.77
N LEU B 220 26.19 0.09 20.34
CA LEU B 220 25.79 -0.02 18.95
C LEU B 220 24.89 1.13 18.54
N VAL B 221 23.87 1.43 19.37
CA VAL B 221 22.95 2.51 19.02
C VAL B 221 23.68 3.83 18.97
N GLU B 222 24.53 4.10 19.95
CA GLU B 222 25.25 5.38 19.98
C GLU B 222 26.12 5.53 18.73
N HIS B 223 26.90 4.50 18.41
CA HIS B 223 27.78 4.57 17.24
C HIS B 223 26.97 4.75 15.96
N PHE B 224 25.94 3.94 15.77
CA PHE B 224 25.17 3.98 14.55
C PHE B 224 24.51 5.33 14.35
N PHE B 225 23.90 5.87 15.40
CA PHE B 225 23.19 7.13 15.23
C PHE B 225 24.15 8.31 15.15
N LEU B 226 25.30 8.25 15.81
CA LEU B 226 26.30 9.30 15.59
C LEU B 226 26.79 9.29 14.16
N VAL B 227 26.96 8.11 13.56
CA VAL B 227 27.40 8.05 12.17
C VAL B 227 26.32 8.56 11.23
N ASN B 228 25.07 8.16 11.45
CA ASN B 228 24.04 8.37 10.45
C ASN B 228 23.28 9.68 10.60
N HIS B 229 23.13 10.22 11.81
CA HIS B 229 22.34 11.42 12.05
C HIS B 229 23.18 12.43 12.82
N PRO B 230 24.24 12.94 12.22
CA PRO B 230 25.11 13.86 12.94
C PRO B 230 24.41 15.18 13.21
N ASP B 231 24.89 15.86 14.25
CA ASP B 231 24.44 17.20 14.63
C ASP B 231 22.99 17.22 15.09
N HIS B 232 22.32 16.07 15.18
CA HIS B 232 20.92 16.06 15.60
C HIS B 232 20.64 15.02 16.68
N TYR B 233 21.41 13.95 16.72
CA TYR B 233 21.23 12.96 17.77
C TYR B 233 21.65 13.55 19.11
N LEU B 234 20.80 13.38 20.12
CA LEU B 234 21.01 14.02 21.42
C LEU B 234 21.32 13.01 22.52
N THR B 235 20.44 12.04 22.72
CA THR B 235 20.65 11.03 23.75
C THR B 235 19.79 9.82 23.40
N HIS B 236 20.04 8.73 24.12
CA HIS B 236 19.32 7.49 23.87
C HIS B 236 19.13 6.76 25.19
N GLN B 237 18.08 5.94 25.26
CA GLN B 237 17.81 5.10 26.41
C GLN B 237 17.57 3.69 25.93
N VAL B 238 18.11 2.72 26.63
CA VAL B 238 18.03 1.32 26.25
C VAL B 238 16.85 0.68 26.96
N VAL B 239 16.06 -0.09 26.22
CA VAL B 239 14.94 -0.81 26.81
C VAL B 239 15.46 -1.85 27.77
N CYS B 240 14.90 -1.91 28.97
CA CYS B 240 15.29 -2.85 29.98
C CYS B 240 14.15 -3.82 30.29
N ASN B 241 14.50 -5.09 30.47
CA ASN B 241 13.50 -6.13 30.75
C ASN B 241 13.35 -6.25 32.26
N ALA B 242 12.37 -5.52 32.78
CA ALA B 242 12.04 -5.53 34.21
C ALA B 242 10.64 -6.06 34.48
N ASN B 243 10.14 -6.97 33.64
CA ASN B 243 8.80 -7.51 33.85
C ASN B 243 8.72 -8.26 35.18
N LYS B 244 9.75 -9.03 35.51
CA LYS B 244 9.76 -9.73 36.78
C LYS B 244 9.73 -8.76 37.96
N LEU B 245 10.52 -7.70 37.88
CA LEU B 245 10.54 -6.70 38.93
C LEU B 245 9.18 -6.02 39.08
N ALA B 246 8.54 -5.70 37.95
CA ALA B 246 7.22 -5.09 38.01
C ALA B 246 6.21 -6.03 38.64
N ASP B 247 6.29 -7.32 38.30
CA ASP B 247 5.38 -8.29 38.90
C ASP B 247 5.60 -8.39 40.40
N LEU B 248 6.85 -8.38 40.84
CA LEU B 248 7.13 -8.40 42.28
C LEU B 248 6.56 -7.16 42.96
N VAL B 249 6.71 -5.99 42.34
CA VAL B 249 6.20 -4.77 42.94
C VAL B 249 4.68 -4.79 43.01
N LYS B 250 4.03 -5.30 41.96
CA LYS B 250 2.57 -5.41 41.99
C LYS B 250 2.11 -6.37 43.08
N LYS B 251 2.81 -7.49 43.26
CA LYS B 251 2.48 -8.40 44.34
C LYS B 251 2.65 -7.72 45.69
N LYS B 252 3.71 -6.94 45.86
CA LYS B 252 3.91 -6.21 47.10
C LYS B 252 2.77 -5.24 47.37
N LYS B 253 2.34 -4.52 46.33
CA LYS B 253 1.24 -3.58 46.48
C LYS B 253 -0.04 -4.30 46.89
N LYS B 254 -0.34 -5.43 46.26
CA LYS B 254 -1.54 -6.17 46.61
C LYS B 254 -1.47 -6.66 48.06
N LEU B 255 -0.33 -7.20 48.46
CA LEU B 255 -0.18 -7.68 49.83
C LEU B 255 -0.30 -6.55 50.84
N GLN B 256 0.25 -5.37 50.50
CA GLN B 256 0.13 -4.22 51.39
C GLN B 256 -1.33 -3.79 51.52
N ASN B 257 -2.07 -3.79 50.41
CA ASN B 257 -3.49 -3.45 50.49
C ASN B 257 -4.24 -4.44 51.37
N TRP B 258 -3.95 -5.74 51.22
CA TRP B 258 -4.59 -6.73 52.06
C TRP B 258 -4.26 -6.52 53.53
N LEU B 259 -3.00 -6.23 53.82
CA LEU B 259 -2.58 -5.95 55.19
C LEU B 259 -3.31 -4.75 55.75
N ASP B 260 -3.45 -3.70 54.96
CA ASP B 260 -4.14 -2.50 55.42
C ASP B 260 -5.60 -2.79 55.71
N TYR B 261 -6.24 -3.58 54.84
CA TYR B 261 -7.62 -3.99 55.08
C TYR B 261 -7.76 -4.73 56.39
N TYR B 262 -6.87 -5.71 56.62
CA TYR B 262 -6.96 -6.49 57.85
C TYR B 262 -6.68 -5.63 59.08
N GLN B 263 -5.71 -4.72 58.98
CA GLN B 263 -5.42 -3.84 60.11
C GLN B 263 -6.62 -2.96 60.44
N LEU B 264 -7.25 -2.37 59.42
CA LEU B 264 -8.43 -1.55 59.67
C LEU B 264 -9.56 -2.38 60.26
N LYS B 265 -9.74 -3.61 59.77
CA LYS B 265 -10.80 -4.47 60.31
C LYS B 265 -10.57 -4.79 61.78
N TYR B 266 -9.34 -5.17 62.14
CA TYR B 266 -9.07 -5.48 63.53
C TYR B 266 -9.14 -4.23 64.41
N ALA B 267 -8.74 -3.08 63.88
CA ALA B 267 -8.86 -1.83 64.63
C ALA B 267 -10.33 -1.51 64.91
N ARG B 268 -11.19 -1.67 63.90
CA ARG B 268 -12.61 -1.39 64.08
C ARG B 268 -13.24 -2.38 65.04
N ASN B 269 -12.90 -3.66 64.92
CA ASN B 269 -13.46 -4.72 65.76
C ASN B 269 -12.33 -5.64 66.20
N ASN B 270 -12.16 -5.79 67.51
CA ASN B 270 -11.07 -6.59 68.08
C ASN B 270 -11.56 -8.02 68.27
N SER B 271 -11.33 -8.84 67.25
CA SER B 271 -11.72 -10.25 67.25
C SER B 271 -10.64 -11.07 66.58
N GLN B 272 -10.97 -12.32 66.29
CA GLN B 272 -10.05 -13.25 65.64
C GLN B 272 -10.63 -13.68 64.30
N ARG B 273 -9.85 -13.49 63.22
CA ARG B 273 -10.27 -13.85 61.88
C ARG B 273 -9.35 -14.95 61.35
N ILE B 274 -9.93 -16.10 61.01
CA ILE B 274 -9.15 -17.28 60.65
C ILE B 274 -9.40 -17.68 59.20
N MET B 275 -9.78 -16.74 58.35
CA MET B 275 -10.03 -17.00 56.94
C MET B 275 -8.72 -16.91 56.18
N VAL B 276 -8.22 -18.04 55.68
CA VAL B 276 -6.97 -18.06 54.91
C VAL B 276 -7.34 -17.86 53.45
N LYS B 277 -7.55 -16.60 53.09
CA LYS B 277 -7.70 -16.15 51.71
C LYS B 277 -8.97 -16.68 51.02
N LEU B 278 -9.72 -17.56 51.69
CA LEU B 278 -10.97 -18.05 51.13
C LEU B 278 -12.11 -18.15 52.14
N GLY B 279 -11.84 -18.23 53.43
CA GLY B 279 -12.89 -18.34 54.43
C GLY B 279 -13.40 -19.75 54.63
N PHE B 280 -13.99 -20.34 53.59
CA PHE B 280 -14.56 -21.68 53.72
C PHE B 280 -13.50 -22.76 53.55
N LEU B 281 -12.84 -22.78 52.40
CA LEU B 281 -11.87 -23.82 52.05
C LEU B 281 -10.53 -23.18 51.72
N GLY B 282 -10.05 -22.32 52.62
CA GLY B 282 -8.83 -21.59 52.39
C GLY B 282 -7.60 -22.46 52.49
N LEU B 283 -6.48 -21.81 52.79
CA LEU B 283 -5.20 -22.51 52.88
C LEU B 283 -5.22 -23.51 54.03
N TRP B 284 -4.35 -24.52 53.92
CA TRP B 284 -4.21 -25.54 54.96
C TRP B 284 -3.50 -24.92 56.16
N GLY B 285 -4.18 -23.97 56.79
CA GLY B 285 -3.65 -23.28 57.94
C GLY B 285 -4.75 -22.65 58.78
N GLN B 286 -4.38 -21.87 59.77
CA GLN B 286 -5.34 -21.19 60.62
C GLN B 286 -5.31 -19.68 60.46
N LYS B 287 -4.14 -19.05 60.63
CA LYS B 287 -3.98 -17.61 60.50
C LYS B 287 -5.04 -16.86 61.33
N VAL B 288 -5.06 -17.18 62.63
CA VAL B 288 -6.04 -16.58 63.52
C VAL B 288 -5.87 -15.06 63.57
N ASP B 289 -4.63 -14.60 63.58
CA ASP B 289 -4.32 -13.17 63.54
C ASP B 289 -3.81 -12.72 62.19
N ALA B 290 -2.77 -13.38 61.66
CA ALA B 290 -2.29 -13.22 60.29
C ALA B 290 -1.71 -11.84 60.02
N ILE B 291 -1.78 -10.94 61.00
CA ILE B 291 -1.15 -9.63 60.83
C ILE B 291 0.37 -9.77 60.79
N GLU B 292 0.93 -10.56 61.71
CA GLU B 292 2.36 -10.84 61.66
C GLU B 292 2.71 -11.59 60.39
N HIS B 293 1.80 -12.45 59.92
CA HIS B 293 2.02 -13.16 58.66
C HIS B 293 2.17 -12.18 57.50
N TYR B 294 1.26 -11.21 57.42
CA TYR B 294 1.34 -10.24 56.33
C TYR B 294 2.55 -9.32 56.49
N ILE B 295 2.92 -8.99 57.72
CA ILE B 295 4.13 -8.19 57.93
C ILE B 295 5.37 -8.94 57.44
N ALA B 296 5.46 -10.23 57.79
CA ALA B 296 6.58 -11.04 57.31
C ALA B 296 6.55 -11.15 55.79
N GLU B 297 5.37 -11.29 55.20
CA GLU B 297 5.26 -11.32 53.76
C GLU B 297 5.76 -10.03 53.13
N ILE B 298 5.38 -8.89 53.71
CA ILE B 298 5.85 -7.60 53.20
C ILE B 298 7.36 -7.50 53.29
N ASP B 299 7.94 -7.90 54.43
CA ASP B 299 9.39 -7.82 54.60
C ASP B 299 10.10 -8.72 53.59
N LYS B 300 9.63 -9.95 53.45
CA LYS B 300 10.25 -10.88 52.51
C LYS B 300 10.17 -10.37 51.08
N ILE B 301 9.01 -9.84 50.69
CA ILE B 301 8.85 -9.33 49.34
C ILE B 301 9.72 -8.10 49.13
N SER B 302 9.89 -7.28 50.17
CA SER B 302 10.77 -6.12 50.04
C SER B 302 12.22 -6.56 49.81
N LYS B 303 12.68 -7.54 50.58
CA LYS B 303 14.04 -8.06 50.34
C LYS B 303 14.17 -8.65 48.94
N GLU B 304 13.16 -9.40 48.50
CA GLU B 304 13.20 -9.99 47.17
C GLU B 304 13.24 -8.92 46.09
N ILE B 305 12.45 -7.86 46.26
CA ILE B 305 12.42 -6.78 45.29
C ILE B 305 13.75 -6.04 45.25
N SER B 306 14.36 -5.82 46.42
CA SER B 306 15.68 -5.18 46.44
C SER B 306 16.70 -6.04 45.71
N LYS B 307 16.69 -7.34 45.97
CA LYS B 307 17.63 -8.24 45.28
C LYS B 307 17.38 -8.24 43.78
N GLU B 308 16.10 -8.24 43.37
CA GLU B 308 15.80 -8.25 41.94
C GLU B 308 16.23 -6.94 41.28
N ARG B 309 16.05 -5.82 41.98
CA ARG B 309 16.57 -4.54 41.48
C ARG B 309 18.07 -4.62 41.25
N GLU B 310 18.79 -5.12 42.25
CA GLU B 310 20.24 -5.23 42.12
C GLU B 310 20.63 -6.12 40.95
N GLU B 311 19.92 -7.24 40.77
CA GLU B 311 20.25 -8.15 39.68
C GLU B 311 19.97 -7.50 38.32
N VAL B 312 18.82 -6.85 38.18
CA VAL B 312 18.41 -6.35 36.88
C VAL B 312 19.20 -5.12 36.48
N VAL B 313 19.73 -4.38 37.46
CA VAL B 313 20.55 -3.22 37.11
C VAL B 313 21.81 -3.66 36.37
N ASN B 314 22.45 -4.74 36.81
CA ASN B 314 23.74 -5.15 36.29
C ASN B 314 23.70 -6.37 35.39
N ASP B 315 22.52 -6.94 35.14
CA ASP B 315 22.45 -8.12 34.29
C ASP B 315 22.44 -7.72 32.82
N PRO B 316 23.43 -8.14 32.02
CA PRO B 316 23.37 -7.88 30.58
C PRO B 316 22.22 -8.59 29.89
N LYS B 317 21.81 -9.75 30.40
CA LYS B 317 20.75 -10.51 29.76
C LYS B 317 19.40 -9.81 29.78
N ALA B 318 19.24 -8.80 30.63
CA ALA B 318 17.99 -8.06 30.71
C ALA B 318 17.89 -6.95 29.66
N ILE B 319 18.92 -6.75 28.86
CA ILE B 319 18.91 -5.71 27.84
C ILE B 319 18.27 -6.27 26.58
N MET B 320 17.12 -5.73 26.21
CA MET B 320 16.50 -6.13 24.97
C MET B 320 17.20 -5.45 23.79
N PRO B 321 17.06 -6.01 22.59
CA PRO B 321 17.65 -5.36 21.40
C PRO B 321 16.77 -4.24 20.86
N ALA B 322 16.51 -3.24 21.70
CA ALA B 322 15.72 -2.09 21.30
C ALA B 322 16.09 -0.92 22.20
N ALA B 323 15.83 0.28 21.69
CA ALA B 323 16.19 1.48 22.44
C ALA B 323 15.36 2.65 21.96
N PHE B 324 15.23 3.66 22.82
CA PHE B 324 14.56 4.90 22.49
C PHE B 324 15.64 5.94 22.20
N VAL B 325 15.52 6.60 21.05
CA VAL B 325 16.49 7.61 20.61
C VAL B 325 15.81 8.96 20.61
N SER B 326 16.51 9.98 21.11
CA SER B 326 15.98 11.33 21.19
C SER B 326 16.87 12.30 20.43
N PHE B 327 16.25 13.15 19.62
CA PHE B 327 16.96 14.11 18.79
C PHE B 327 16.74 15.52 19.30
N LYS B 328 17.58 16.44 18.83
CA LYS B 328 17.43 17.84 19.24
C LYS B 328 16.26 18.52 18.56
N THR B 329 15.83 18.04 17.38
CA THR B 329 14.83 18.74 16.61
C THR B 329 13.73 17.80 16.18
N ARG B 330 12.50 18.30 16.24
CA ARG B 330 11.37 17.55 15.69
C ARG B 330 11.62 17.21 14.23
N TRP B 331 12.33 18.07 13.50
CA TRP B 331 12.63 17.77 12.10
C TRP B 331 13.48 16.52 11.98
N ALA B 332 14.54 16.43 12.78
CA ALA B 332 15.38 15.25 12.73
C ALA B 332 14.62 14.01 13.17
N ALA B 333 13.79 14.14 14.21
CA ALA B 333 13.01 12.99 14.65
C ALA B 333 12.07 12.52 13.55
N ALA B 334 11.40 13.45 12.89
CA ALA B 334 10.49 13.08 11.80
C ALA B 334 11.24 12.45 10.65
N VAL B 335 12.44 12.95 10.34
CA VAL B 335 13.23 12.35 9.29
C VAL B 335 13.58 10.92 9.65
N CYS B 336 14.02 10.68 10.88
CA CYS B 336 14.39 9.34 11.28
C CYS B 336 13.18 8.40 11.30
N ALA B 337 12.00 8.92 11.62
CA ALA B 337 10.84 8.07 11.83
C ALA B 337 10.13 7.66 10.54
N GLN B 338 10.58 8.14 9.38
CA GLN B 338 9.85 7.92 8.15
C GLN B 338 10.70 7.32 7.04
N THR B 339 11.94 6.95 7.31
CA THR B 339 12.87 6.52 6.27
C THR B 339 13.47 5.18 6.60
N GLN B 340 13.65 4.36 5.57
CA GLN B 340 14.38 3.11 5.71
C GLN B 340 15.79 3.41 6.22
N GLN B 341 16.24 2.67 7.23
CA GLN B 341 17.48 2.98 7.91
C GLN B 341 18.68 2.23 7.36
N THR B 342 18.51 0.99 6.92
CA THR B 342 19.63 0.14 6.54
C THR B 342 19.20 -0.75 5.37
N ARG B 343 20.17 -1.45 4.78
CA ARG B 343 19.87 -2.38 3.70
C ARG B 343 18.77 -3.35 4.09
N ASN B 344 18.92 -3.99 5.24
CA ASN B 344 17.97 -5.00 5.68
C ASN B 344 16.72 -4.32 6.22
N PRO B 345 15.56 -4.58 5.61
CA PRO B 345 14.31 -3.96 6.10
C PRO B 345 13.77 -4.61 7.35
N THR B 346 14.53 -5.44 8.04
CA THR B 346 14.13 -6.01 9.32
C THR B 346 15.12 -5.71 10.43
N GLN B 347 16.08 -4.83 10.18
CA GLN B 347 17.04 -4.41 11.18
C GLN B 347 17.01 -2.90 11.28
N TRP B 348 17.25 -2.39 12.49
CA TRP B 348 17.15 -0.97 12.78
C TRP B 348 15.77 -0.45 12.40
N LEU B 349 14.75 -1.27 12.67
CA LEU B 349 13.37 -0.89 12.39
C LEU B 349 13.01 0.34 13.22
N THR B 350 12.27 1.26 12.63
CA THR B 350 12.03 2.56 13.21
C THR B 350 10.54 2.91 13.16
N GLU B 351 10.04 3.48 14.26
CA GLU B 351 8.66 3.93 14.33
C GLU B 351 8.56 5.02 15.39
N TRP B 352 7.45 5.77 15.34
CA TRP B 352 7.24 6.85 16.30
C TRP B 352 7.18 6.30 17.71
N ALA B 353 7.76 7.03 18.65
CA ALA B 353 7.80 6.56 20.03
C ALA B 353 6.59 7.08 20.80
N PRO B 354 5.83 6.20 21.45
CA PRO B 354 4.68 6.66 22.24
C PRO B 354 5.14 7.41 23.47
N GLU B 355 4.29 8.29 23.96
CA GLU B 355 4.64 9.09 25.13
C GLU B 355 4.72 8.20 26.37
N PRO B 356 5.49 8.60 27.38
CA PRO B 356 5.84 7.65 28.46
C PRO B 356 4.64 7.02 29.14
N ARG B 357 3.58 7.78 29.39
CA ARG B 357 2.40 7.20 30.02
C ARG B 357 1.65 6.26 29.10
N ASP B 358 2.00 6.24 27.81
CA ASP B 358 1.33 5.39 26.85
C ASP B 358 2.12 4.11 26.60
N VAL B 359 3.45 4.16 26.74
CA VAL B 359 4.28 2.99 26.44
C VAL B 359 3.88 1.83 27.33
N PHE B 360 3.62 0.68 26.71
CA PHE B 360 3.23 -0.53 27.42
C PHE B 360 4.50 -1.32 27.71
N TRP B 361 5.16 -0.98 28.81
CA TRP B 361 6.48 -1.50 29.09
C TRP B 361 6.53 -3.03 29.20
N SER B 362 5.41 -3.67 29.54
CA SER B 362 5.44 -5.11 29.76
C SER B 362 5.70 -5.88 28.47
N ASN B 363 5.45 -5.25 27.31
CA ASN B 363 5.60 -5.93 26.04
C ASN B 363 6.90 -5.61 25.32
N LEU B 364 7.64 -4.59 25.75
CA LEU B 364 8.91 -4.29 25.11
C LEU B 364 9.94 -5.41 25.29
N ALA B 365 9.70 -6.34 26.21
CA ALA B 365 10.61 -7.45 26.42
C ALA B 365 10.40 -8.59 25.43
N ILE B 366 9.35 -8.53 24.62
CA ILE B 366 9.09 -9.60 23.66
C ILE B 366 10.10 -9.51 22.54
N PRO B 367 10.89 -10.55 22.28
CA PRO B 367 11.80 -10.51 21.13
C PRO B 367 11.02 -10.33 19.83
N TYR B 368 11.58 -9.53 18.92
CA TYR B 368 10.84 -9.16 17.72
C TYR B 368 10.61 -10.39 16.84
N VAL B 369 11.53 -11.35 16.86
CA VAL B 369 11.50 -12.45 15.90
C VAL B 369 10.28 -13.33 16.10
N SER B 370 9.67 -13.29 17.28
CA SER B 370 8.54 -14.16 17.58
C SER B 370 7.19 -13.52 17.31
N LEU B 371 7.17 -12.29 16.81
CA LEU B 371 5.89 -11.61 16.58
C LEU B 371 5.08 -12.28 15.48
N THR B 372 5.74 -12.82 14.46
CA THR B 372 5.01 -13.53 13.41
C THR B 372 4.31 -14.77 13.96
N VAL B 373 5.05 -15.56 14.74
CA VAL B 373 4.45 -16.72 15.41
C VAL B 373 3.29 -16.27 16.28
N ARG B 374 3.48 -15.16 17.00
CA ARG B 374 2.42 -14.67 17.86
C ARG B 374 1.17 -14.32 17.06
N ARG B 375 1.32 -13.53 15.99
CA ARG B 375 0.17 -13.13 15.20
C ARG B 375 -0.56 -14.35 14.63
N LEU B 376 0.22 -15.37 14.26
CA LEU B 376 -0.41 -16.61 13.80
C LEU B 376 -1.24 -17.25 14.90
N ILE B 377 -0.69 -17.30 16.12
CA ILE B 377 -1.44 -17.84 17.24
C ILE B 377 -2.69 -17.01 17.52
N MET B 378 -2.56 -15.68 17.40
CA MET B 378 -3.71 -14.80 17.49
C MET B 378 -4.81 -15.19 16.54
N HIS B 379 -4.48 -15.35 15.26
CA HIS B 379 -5.52 -15.63 14.28
C HIS B 379 -6.16 -16.98 14.55
N VAL B 380 -5.34 -17.97 14.93
CA VAL B 380 -5.90 -19.29 15.24
C VAL B 380 -6.84 -19.22 16.43
N ALA B 381 -6.43 -18.53 17.49
CA ALA B 381 -7.26 -18.43 18.69
C ALA B 381 -8.53 -17.65 18.40
N PHE B 382 -8.42 -16.61 17.58
CA PHE B 382 -9.60 -15.83 17.22
C PHE B 382 -10.56 -16.67 16.40
N PHE B 383 -10.03 -17.54 15.52
CA PHE B 383 -10.88 -18.46 14.79
C PHE B 383 -11.61 -19.41 15.75
N PHE B 384 -10.89 -19.97 16.72
CA PHE B 384 -11.56 -20.86 17.67
C PHE B 384 -12.63 -20.11 18.46
N LEU B 385 -12.34 -18.88 18.88
CA LEU B 385 -13.32 -18.10 19.62
C LEU B 385 -14.56 -17.82 18.78
N THR B 386 -14.36 -17.33 17.56
CA THR B 386 -15.51 -16.96 16.74
C THR B 386 -16.26 -18.19 16.27
N PHE B 387 -15.64 -19.37 16.32
CA PHE B 387 -16.37 -20.58 15.99
C PHE B 387 -17.15 -21.12 17.19
N PHE B 388 -16.53 -21.11 18.37
CA PHE B 388 -17.25 -21.54 19.56
C PHE B 388 -18.39 -20.61 19.92
N PHE B 389 -18.33 -19.35 19.49
CA PHE B 389 -19.26 -18.38 20.06
C PHE B 389 -20.57 -18.29 19.27
N ILE B 390 -20.77 -19.09 18.22
CA ILE B 390 -22.11 -19.21 17.65
C ILE B 390 -23.05 -19.86 18.66
N VAL B 391 -22.57 -20.90 19.34
CA VAL B 391 -23.45 -21.69 20.20
C VAL B 391 -24.22 -20.84 21.20
N PRO B 392 -23.61 -19.91 21.95
CA PRO B 392 -24.43 -19.05 22.81
C PRO B 392 -25.36 -18.14 22.02
N ILE B 393 -24.92 -17.62 20.89
CA ILE B 393 -25.79 -16.74 20.12
C ILE B 393 -26.82 -17.56 19.34
N ALA B 394 -26.48 -18.78 18.96
CA ALA B 394 -27.50 -19.69 18.44
C ALA B 394 -28.56 -19.95 19.50
N PHE B 395 -28.14 -20.11 20.76
CA PHE B 395 -29.09 -20.28 21.85
C PHE B 395 -29.97 -19.05 22.01
N VAL B 396 -29.39 -17.86 21.87
CA VAL B 396 -30.18 -16.63 21.94
C VAL B 396 -31.22 -16.63 20.83
N GLN B 397 -30.82 -17.00 19.62
CA GLN B 397 -31.77 -17.06 18.52
C GLN B 397 -32.87 -18.08 18.80
N SER B 398 -32.50 -19.21 19.43
CA SER B 398 -33.50 -20.20 19.81
C SER B 398 -34.50 -19.61 20.80
N LEU B 399 -34.02 -18.84 21.78
CA LEU B 399 -34.92 -18.10 22.65
C LEU B 399 -35.81 -17.17 21.86
N ALA B 400 -35.28 -16.62 20.76
CA ALA B 400 -36.08 -15.79 19.87
C ALA B 400 -36.89 -16.69 18.94
N THR B 401 -37.93 -17.30 19.52
CA THR B 401 -38.79 -18.21 18.78
C THR B 401 -39.56 -17.49 17.68
N PHE B 420 -50.00 -14.92 25.38
CA PHE B 420 -49.39 -13.60 25.51
C PHE B 420 -48.24 -13.61 26.50
N MET B 421 -48.28 -14.58 27.42
CA MET B 421 -47.26 -14.68 28.47
C MET B 421 -45.87 -14.93 27.91
N LYS B 422 -45.76 -15.60 26.76
CA LYS B 422 -44.48 -15.84 26.11
C LYS B 422 -44.08 -14.73 25.16
N SER B 423 -45.04 -13.93 24.69
CA SER B 423 -44.73 -12.88 23.72
C SER B 423 -43.75 -11.86 24.29
N VAL B 424 -44.02 -11.38 25.50
CA VAL B 424 -43.19 -10.32 26.09
C VAL B 424 -41.77 -10.83 26.32
N ILE B 425 -41.64 -12.04 26.85
CA ILE B 425 -40.31 -12.56 27.15
C ILE B 425 -39.56 -12.87 25.87
N GLN B 426 -40.24 -13.42 24.86
CA GLN B 426 -39.55 -13.73 23.62
C GLN B 426 -39.14 -12.45 22.89
N GLY B 427 -39.88 -11.37 23.12
CA GLY B 427 -39.52 -10.09 22.51
C GLY B 427 -38.45 -9.33 23.25
N PHE B 428 -38.28 -9.60 24.55
CA PHE B 428 -37.32 -8.80 25.31
C PHE B 428 -36.05 -9.58 25.68
N LEU B 429 -36.18 -10.82 26.14
CA LEU B 429 -35.05 -11.55 26.69
C LEU B 429 -33.85 -11.68 25.76
N PRO B 430 -33.98 -11.92 24.45
CA PRO B 430 -32.78 -12.12 23.64
C PRO B 430 -31.79 -10.97 23.72
N GLY B 431 -32.27 -9.73 23.75
CA GLY B 431 -31.35 -8.61 23.81
C GLY B 431 -30.53 -8.58 25.08
N ILE B 432 -31.20 -8.72 26.23
CA ILE B 432 -30.48 -8.66 27.50
C ILE B 432 -29.56 -9.87 27.64
N ALA B 433 -30.00 -11.03 27.16
CA ALA B 433 -29.16 -12.21 27.19
C ALA B 433 -27.89 -12.00 26.37
N LEU B 434 -28.03 -11.46 25.17
CA LEU B 434 -26.86 -11.18 24.34
C LEU B 434 -25.95 -10.14 25.00
N LYS B 435 -26.55 -9.13 25.62
CA LYS B 435 -25.76 -8.09 26.28
C LYS B 435 -24.91 -8.68 27.40
N LEU B 436 -25.50 -9.57 28.22
CA LEU B 436 -24.69 -10.27 29.21
C LEU B 436 -23.64 -11.16 28.54
N PHE B 437 -23.98 -11.79 27.43
CA PHE B 437 -23.06 -12.73 26.81
C PHE B 437 -21.85 -12.01 26.22
N LEU B 438 -22.00 -10.74 25.84
CA LEU B 438 -20.91 -9.97 25.26
C LEU B 438 -20.22 -9.07 26.28
N ALA B 439 -20.51 -9.25 27.56
CA ALA B 439 -19.98 -8.31 28.57
C ALA B 439 -18.47 -8.45 28.72
N PHE B 440 -17.96 -9.69 28.80
CA PHE B 440 -16.55 -9.91 29.00
C PHE B 440 -15.76 -10.05 27.71
N LEU B 441 -16.44 -10.02 26.57
CA LEU B 441 -15.75 -10.16 25.30
C LEU B 441 -14.73 -9.06 25.02
N PRO B 442 -15.01 -7.77 25.26
CA PRO B 442 -13.94 -6.77 25.13
C PRO B 442 -12.76 -7.07 26.03
N SER B 443 -13.01 -7.54 27.25
CA SER B 443 -11.91 -7.89 28.14
C SER B 443 -11.08 -9.02 27.55
N ILE B 444 -11.73 -10.05 26.99
CA ILE B 444 -10.99 -11.16 26.41
C ILE B 444 -10.14 -10.68 25.25
N LEU B 445 -10.71 -9.86 24.38
CA LEU B 445 -9.96 -9.41 23.20
C LEU B 445 -8.80 -8.53 23.61
N MET B 446 -9.01 -7.66 24.60
CA MET B 446 -7.91 -6.85 25.10
C MET B 446 -6.83 -7.72 25.72
N ILE B 447 -7.21 -8.76 26.45
CA ILE B 447 -6.22 -9.68 27.01
C ILE B 447 -5.41 -10.34 25.90
N MET B 448 -6.09 -10.73 24.82
CA MET B 448 -5.39 -11.42 23.74
C MET B 448 -4.38 -10.48 23.08
N SER B 449 -4.83 -9.28 22.71
CA SER B 449 -3.92 -8.33 22.08
C SER B 449 -2.77 -7.95 23.02
N LYS B 450 -3.08 -7.72 24.30
CA LYS B 450 -2.04 -7.47 25.29
C LYS B 450 -1.05 -8.61 25.33
N PHE B 451 -1.53 -9.84 25.17
CA PHE B 451 -0.65 -11.00 25.14
C PHE B 451 0.32 -10.89 23.99
N GLU B 452 -0.13 -10.43 22.83
CA GLU B 452 0.81 -10.37 21.72
C GLU B 452 1.21 -8.93 21.40
N GLY B 453 2.47 -8.63 21.70
CA GLY B 453 2.97 -7.29 21.95
C GLY B 453 2.67 -6.20 20.94
N PHE B 454 2.38 -5.01 21.44
CA PHE B 454 2.23 -3.82 20.63
C PHE B 454 2.91 -2.60 21.21
N THR B 455 3.34 -2.64 22.47
CA THR B 455 4.18 -1.65 23.13
C THR B 455 3.52 -0.30 23.28
N SER B 456 2.22 -0.18 23.05
CA SER B 456 1.54 1.09 23.26
C SER B 456 0.07 0.85 23.48
N ILE B 457 -0.48 1.52 24.51
CA ILE B 457 -1.89 1.33 24.83
C ILE B 457 -2.77 1.78 23.67
N SER B 458 -2.35 2.82 22.95
CA SER B 458 -3.13 3.27 21.80
C SER B 458 -3.24 2.17 20.75
N SER B 459 -2.11 1.57 20.38
CA SER B 459 -2.15 0.52 19.37
C SER B 459 -2.90 -0.71 19.89
N LEU B 460 -2.74 -1.03 21.17
CA LEU B 460 -3.49 -2.13 21.74
C LEU B 460 -4.99 -1.90 21.63
N GLU B 461 -5.44 -0.69 21.96
CA GLU B 461 -6.86 -0.40 21.88
C GLU B 461 -7.35 -0.45 20.44
N ARG B 462 -6.58 0.11 19.51
CA ARG B 462 -7.00 0.07 18.11
C ARG B 462 -7.08 -1.37 17.59
N ARG B 463 -6.09 -2.20 17.91
CA ARG B 463 -6.12 -3.59 17.46
C ARG B 463 -7.28 -4.35 18.10
N ALA B 464 -7.51 -4.14 19.40
CA ALA B 464 -8.61 -4.82 20.06
C ALA B 464 -9.95 -4.39 19.48
N ALA B 465 -10.10 -3.11 19.18
CA ALA B 465 -11.33 -2.65 18.55
C ALA B 465 -11.50 -3.25 17.17
N PHE B 466 -10.41 -3.38 16.42
CA PHE B 466 -10.48 -3.98 15.09
C PHE B 466 -10.91 -5.44 15.18
N ARG B 467 -10.34 -6.19 16.13
CA ARG B 467 -10.74 -7.58 16.27
C ARG B 467 -12.17 -7.71 16.76
N TYR B 468 -12.59 -6.82 17.66
CA TYR B 468 -13.98 -6.84 18.10
C TYR B 468 -14.93 -6.52 16.97
N TYR B 469 -14.54 -5.61 16.08
CA TYR B 469 -15.38 -5.34 14.91
C TYR B 469 -15.45 -6.54 13.99
N ILE B 470 -14.32 -7.22 13.77
CA ILE B 470 -14.34 -8.40 12.91
C ILE B 470 -15.25 -9.46 13.48
N PHE B 471 -15.09 -9.79 14.77
CA PHE B 471 -15.94 -10.80 15.38
C PHE B 471 -17.39 -10.35 15.35
N ASN B 472 -17.61 -9.06 15.57
CA ASN B 472 -18.94 -8.49 15.59
C ASN B 472 -19.65 -8.75 14.26
N LEU B 473 -19.00 -8.35 13.16
CA LEU B 473 -19.53 -8.59 11.83
C LEU B 473 -19.73 -10.07 11.56
N VAL B 474 -18.70 -10.88 11.83
CA VAL B 474 -18.75 -12.28 11.43
C VAL B 474 -19.87 -13.01 12.15
N ASN B 475 -20.02 -12.78 13.45
CA ASN B 475 -20.94 -13.58 14.22
C ASN B 475 -22.28 -12.88 14.45
N VAL B 476 -22.28 -11.75 15.17
CA VAL B 476 -23.56 -11.35 15.80
C VAL B 476 -24.49 -10.74 14.76
N PHE B 477 -23.95 -10.35 13.61
CA PHE B 477 -24.79 -9.98 12.48
C PHE B 477 -24.98 -11.15 11.52
N LEU B 478 -23.90 -11.62 10.90
CA LEU B 478 -24.00 -12.62 9.84
C LEU B 478 -24.45 -13.96 10.39
N ALA B 479 -23.71 -14.52 11.36
CA ALA B 479 -24.05 -15.83 11.88
C ALA B 479 -25.40 -15.79 12.58
N SER B 480 -25.70 -14.70 13.29
CA SER B 480 -26.98 -14.60 13.95
C SER B 480 -28.12 -14.62 12.93
N VAL B 481 -28.00 -13.85 11.85
CA VAL B 481 -29.10 -13.77 10.90
C VAL B 481 -29.25 -15.10 10.16
N ILE B 482 -28.14 -15.76 9.83
CA ILE B 482 -28.25 -17.01 9.12
C ILE B 482 -28.83 -18.10 10.01
N ALA B 483 -28.41 -18.15 11.28
CA ALA B 483 -28.99 -19.14 12.20
C ALA B 483 -30.47 -18.88 12.42
N GLY B 484 -30.86 -17.61 12.55
CA GLY B 484 -32.26 -17.30 12.72
C GLY B 484 -33.10 -17.67 11.52
N ALA B 485 -32.56 -17.43 10.31
CA ALA B 485 -33.27 -17.87 9.11
C ALA B 485 -33.40 -19.39 9.08
N ALA B 486 -32.35 -20.10 9.49
CA ALA B 486 -32.42 -21.56 9.54
C ALA B 486 -33.50 -22.02 10.51
N PHE B 487 -33.59 -21.36 11.67
CA PHE B 487 -34.64 -21.69 12.62
C PHE B 487 -36.03 -21.37 12.07
N GLU B 488 -36.14 -20.28 11.31
CA GLU B 488 -37.43 -19.89 10.74
C GLU B 488 -37.87 -20.88 9.66
N GLN B 489 -36.91 -21.45 8.92
CA GLN B 489 -37.25 -22.37 7.83
C GLN B 489 -37.79 -23.71 8.31
N LEU B 490 -38.24 -23.82 9.56
CA LEU B 490 -38.75 -25.06 10.13
C LEU B 490 -37.65 -26.11 10.19
N PRO B 502 -35.46 -24.79 -1.53
CA PRO B 502 -34.65 -23.77 -2.18
C PRO B 502 -34.04 -22.79 -1.19
N LYS B 503 -33.88 -21.53 -1.61
CA LYS B 503 -33.25 -20.49 -0.79
C LYS B 503 -34.31 -19.44 -0.44
N THR B 504 -34.92 -19.59 0.73
CA THR B 504 -35.83 -18.56 1.23
C THR B 504 -35.12 -17.46 2.00
N ILE B 505 -33.80 -17.34 1.84
CA ILE B 505 -33.06 -16.29 2.53
C ILE B 505 -33.53 -14.92 2.07
N GLY B 506 -33.99 -14.82 0.82
CA GLY B 506 -34.44 -13.54 0.30
C GLY B 506 -35.56 -12.93 1.12
N VAL B 507 -36.53 -13.74 1.54
CA VAL B 507 -37.57 -13.28 2.43
C VAL B 507 -37.17 -13.40 3.89
N ALA B 508 -36.18 -14.23 4.21
CA ALA B 508 -35.82 -14.46 5.60
C ALA B 508 -35.03 -13.31 6.19
N ILE B 509 -34.06 -12.78 5.44
CA ILE B 509 -33.09 -11.81 5.96
C ILE B 509 -33.79 -10.58 6.54
N PRO B 510 -34.73 -9.94 5.83
CA PRO B 510 -35.38 -8.77 6.43
C PRO B 510 -36.21 -9.09 7.67
N MET B 511 -36.63 -10.35 7.84
CA MET B 511 -37.57 -10.67 8.90
C MET B 511 -36.95 -10.52 10.28
N LYS B 512 -35.63 -10.62 10.40
CA LYS B 512 -35.00 -10.40 11.69
C LYS B 512 -34.87 -8.93 12.04
N ALA B 513 -35.57 -8.07 11.31
CA ALA B 513 -35.69 -6.68 11.74
C ALA B 513 -36.23 -6.61 13.16
N THR B 514 -37.17 -7.48 13.50
CA THR B 514 -37.72 -7.48 14.86
C THR B 514 -36.63 -7.73 15.90
N PHE B 515 -35.86 -8.79 15.73
CA PHE B 515 -34.83 -9.12 16.70
C PHE B 515 -33.78 -8.02 16.77
N PHE B 516 -33.39 -7.47 15.62
CA PHE B 516 -32.38 -6.43 15.65
C PHE B 516 -32.91 -5.16 16.28
N ILE B 517 -34.19 -4.84 16.07
CA ILE B 517 -34.79 -3.71 16.77
C ILE B 517 -34.67 -3.92 18.27
N THR B 518 -35.01 -5.12 18.73
CA THR B 518 -34.91 -5.40 20.16
C THR B 518 -33.48 -5.22 20.67
N TYR B 519 -32.52 -5.85 20.00
CA TYR B 519 -31.14 -5.80 20.48
C TYR B 519 -30.59 -4.38 20.47
N ILE B 520 -30.83 -3.65 19.38
CA ILE B 520 -30.38 -2.26 19.32
C ILE B 520 -31.05 -1.45 20.41
N MET B 521 -32.34 -1.68 20.62
CA MET B 521 -33.07 -0.92 21.62
C MET B 521 -32.43 -1.07 22.99
N VAL B 522 -32.22 -2.32 23.40
CA VAL B 522 -31.73 -2.60 24.75
C VAL B 522 -30.25 -2.23 24.89
N ASP B 523 -29.43 -2.54 23.89
CA ASP B 523 -28.00 -2.28 23.97
C ASP B 523 -27.68 -0.84 23.59
N GLY B 524 -28.69 -0.07 23.24
CA GLY B 524 -28.59 1.34 22.88
C GLY B 524 -29.18 2.18 24.00
N TRP B 525 -30.48 2.47 23.92
CA TRP B 525 -31.06 3.46 24.83
C TRP B 525 -30.82 3.06 26.28
N ALA B 526 -31.33 1.91 26.68
CA ALA B 526 -31.19 1.47 28.07
C ALA B 526 -29.72 1.23 28.41
N GLY B 527 -28.94 0.71 27.47
CA GLY B 527 -27.54 0.44 27.75
C GLY B 527 -26.78 1.70 28.12
N VAL B 528 -26.94 2.75 27.33
CA VAL B 528 -26.28 4.01 27.63
C VAL B 528 -26.85 4.62 28.90
N ALA B 529 -28.17 4.53 29.08
CA ALA B 529 -28.78 5.10 30.28
C ALA B 529 -28.24 4.46 31.55
N GLY B 530 -28.05 3.14 31.54
CA GLY B 530 -27.37 2.50 32.65
C GLY B 530 -25.90 2.85 32.71
N GLU B 531 -25.29 3.12 31.55
CA GLU B 531 -23.87 3.44 31.52
C GLU B 531 -23.59 4.73 32.27
N ILE B 532 -24.46 5.73 32.15
CA ILE B 532 -24.17 7.01 32.77
C ILE B 532 -24.12 6.91 34.29
N LEU B 533 -24.75 5.89 34.87
CA LEU B 533 -24.82 5.81 36.33
C LEU B 533 -23.46 5.54 36.96
N MET B 534 -22.56 4.86 36.25
CA MET B 534 -21.29 4.41 36.81
C MET B 534 -21.50 3.59 38.07
N LEU B 535 -22.43 2.63 38.00
CA LEU B 535 -22.76 1.85 39.18
C LEU B 535 -21.54 1.10 39.69
N LYS B 536 -20.80 0.46 38.79
CA LYS B 536 -19.61 -0.29 39.23
C LYS B 536 -18.52 0.63 39.79
N PRO B 537 -18.11 1.71 39.10
CA PRO B 537 -17.11 2.60 39.72
C PRO B 537 -17.57 3.18 41.04
N LEU B 538 -18.86 3.52 41.16
CA LEU B 538 -19.36 4.07 42.41
C LEU B 538 -19.26 3.05 43.54
N ILE B 539 -19.68 1.81 43.27
CA ILE B 539 -19.59 0.77 44.29
C ILE B 539 -18.14 0.55 44.70
N MET B 540 -17.25 0.53 43.71
CA MET B 540 -15.83 0.32 43.99
C MET B 540 -15.26 1.45 44.85
N PHE B 541 -15.64 2.69 44.53
CA PHE B 541 -15.14 3.83 45.28
C PHE B 541 -15.65 3.83 46.72
N HIS B 542 -16.94 3.51 46.92
CA HIS B 542 -17.44 3.44 48.29
C HIS B 542 -16.83 2.28 49.05
N LEU B 543 -16.56 1.15 48.39
CA LEU B 543 -15.88 0.05 49.06
C LEU B 543 -14.48 0.46 49.50
N LYS B 544 -13.76 1.18 48.64
CA LYS B 544 -12.45 1.68 49.05
C LYS B 544 -12.56 2.63 50.24
N ASN B 545 -13.56 3.51 50.22
CA ASN B 545 -13.75 4.40 51.36
C ASN B 545 -14.04 3.63 52.64
N ALA B 546 -14.86 2.58 52.53
CA ALA B 546 -15.30 1.87 53.72
C ALA B 546 -14.18 1.02 54.31
N PHE B 547 -13.36 0.38 53.47
CA PHE B 547 -12.46 -0.64 53.98
C PHE B 547 -10.98 -0.38 53.73
N LEU B 548 -10.62 0.54 52.85
CA LEU B 548 -9.23 0.80 52.52
C LEU B 548 -8.75 2.18 52.91
N VAL B 549 -9.64 3.17 52.95
CA VAL B 549 -9.24 4.53 53.30
C VAL B 549 -8.96 4.59 54.80
N LYS B 550 -7.71 4.84 55.16
CA LYS B 550 -7.29 4.97 56.55
C LYS B 550 -7.06 6.42 56.96
N THR B 551 -6.65 7.27 56.02
CA THR B 551 -6.38 8.68 56.30
C THR B 551 -6.90 9.48 55.12
N ASP B 552 -6.48 10.74 55.04
CA ASP B 552 -6.82 11.59 53.90
C ASP B 552 -5.80 11.40 52.79
N LYS B 553 -5.94 12.21 51.74
CA LYS B 553 -5.04 12.31 50.58
C LYS B 553 -4.86 10.99 49.85
N ASP B 554 -5.61 9.95 50.22
CA ASP B 554 -5.61 8.69 49.50
C ASP B 554 -6.85 8.50 48.65
N ARG B 555 -7.90 9.30 48.89
CA ARG B 555 -9.08 9.23 48.03
C ARG B 555 -8.74 9.68 46.62
N GLU B 556 -7.72 10.53 46.47
CA GLU B 556 -7.26 10.88 45.14
C GLU B 556 -6.77 9.66 44.38
N GLU B 557 -6.03 8.78 45.06
CA GLU B 557 -5.60 7.53 44.45
C GLU B 557 -6.76 6.55 44.29
N ALA B 558 -7.70 6.55 45.24
CA ALA B 558 -8.85 5.65 45.13
C ALA B 558 -9.73 6.01 43.94
N MET B 559 -9.80 7.29 43.59
CA MET B 559 -10.52 7.70 42.40
C MET B 559 -9.76 7.27 41.15
N ASP B 560 -10.46 6.59 40.24
CA ASP B 560 -9.89 6.15 38.97
C ASP B 560 -11.04 6.07 37.98
N PRO B 561 -11.33 7.17 37.26
CA PRO B 561 -12.50 7.19 36.39
C PRO B 561 -12.46 6.17 35.25
N GLY B 562 -11.27 5.86 34.74
CA GLY B 562 -11.15 5.03 33.56
C GLY B 562 -11.10 5.86 32.30
N SER B 563 -10.79 5.18 31.20
CA SER B 563 -10.63 5.82 29.91
C SER B 563 -12.00 6.04 29.26
N ILE B 564 -11.99 6.60 28.06
CA ILE B 564 -13.22 6.72 27.29
C ILE B 564 -13.79 5.37 26.93
N GLY B 565 -12.97 4.32 26.91
CA GLY B 565 -13.44 3.03 26.49
C GLY B 565 -13.63 3.00 24.99
N PHE B 566 -12.58 3.38 24.27
CA PHE B 566 -12.62 3.29 22.81
C PHE B 566 -12.85 1.86 22.37
N ASN B 567 -12.16 0.91 23.02
CA ASN B 567 -12.22 -0.49 22.62
C ASN B 567 -13.66 -1.01 22.59
N THR B 568 -14.53 -0.45 23.42
CA THR B 568 -15.92 -0.84 23.42
C THR B 568 -16.81 0.10 22.60
N GLY B 569 -16.59 1.40 22.71
CA GLY B 569 -17.47 2.35 22.02
C GLY B 569 -17.37 2.27 20.52
N GLU B 570 -16.14 2.19 19.99
CA GLU B 570 -15.97 2.23 18.54
C GLU B 570 -16.62 1.02 17.85
N PRO B 571 -16.40 -0.22 18.29
CA PRO B 571 -16.99 -1.34 17.55
C PRO B 571 -18.50 -1.42 17.67
N ARG B 572 -19.09 -1.00 18.79
CA ARG B 572 -20.54 -1.03 18.90
C ARG B 572 -21.18 -0.05 17.91
N ILE B 573 -20.67 1.18 17.87
CA ILE B 573 -21.20 2.13 16.90
C ILE B 573 -20.92 1.66 15.48
N GLN B 574 -19.81 0.96 15.25
CA GLN B 574 -19.58 0.43 13.91
C GLN B 574 -20.59 -0.64 13.55
N LEU B 575 -20.93 -1.50 14.50
CA LEU B 575 -22.00 -2.47 14.26
C LEU B 575 -23.28 -1.76 13.89
N TYR B 576 -23.61 -0.70 14.62
CA TYR B 576 -24.87 -0.01 14.34
C TYR B 576 -24.84 0.63 12.96
N PHE B 577 -23.71 1.25 12.59
CA PHE B 577 -23.53 1.78 11.25
C PHE B 577 -23.79 0.71 10.21
N LEU B 578 -23.09 -0.41 10.34
CA LEU B 578 -23.19 -1.48 9.37
C LEU B 578 -24.61 -1.98 9.25
N LEU B 579 -25.25 -2.22 10.38
CA LEU B 579 -26.56 -2.84 10.38
C LEU B 579 -27.62 -1.90 9.83
N GLY B 580 -27.52 -0.62 10.18
CA GLY B 580 -28.42 0.36 9.60
C GLY B 580 -28.24 0.52 8.11
N LEU B 581 -27.00 0.53 7.64
CA LEU B 581 -26.77 0.62 6.20
C LEU B 581 -27.32 -0.62 5.49
N VAL B 582 -27.11 -1.80 6.06
CA VAL B 582 -27.53 -3.03 5.39
C VAL B 582 -29.04 -3.09 5.29
N TYR B 583 -29.75 -2.81 6.39
CA TYR B 583 -31.20 -2.93 6.36
C TYR B 583 -31.92 -1.64 5.99
N ALA B 584 -31.19 -0.57 5.67
CA ALA B 584 -31.85 0.67 5.28
C ALA B 584 -32.72 0.52 4.04
N PRO B 585 -32.25 -0.05 2.93
CA PRO B 585 -33.11 -0.14 1.73
C PRO B 585 -34.10 -1.28 1.72
N VAL B 586 -34.12 -2.13 2.75
CA VAL B 586 -35.03 -3.28 2.75
C VAL B 586 -36.06 -3.15 3.87
N THR B 587 -35.63 -2.68 5.03
CA THR B 587 -36.49 -2.54 6.20
C THR B 587 -36.28 -1.17 6.83
N PRO B 588 -36.89 -0.13 6.28
CA PRO B 588 -36.69 1.22 6.85
C PRO B 588 -37.19 1.37 8.28
N MET B 589 -37.92 0.39 8.81
CA MET B 589 -38.37 0.47 10.19
C MET B 589 -37.20 0.50 11.17
N LEU B 590 -36.02 0.05 10.75
CA LEU B 590 -34.82 0.08 11.58
C LEU B 590 -34.38 1.49 11.92
N LEU B 591 -34.31 2.36 10.92
CA LEU B 591 -33.52 3.59 11.04
C LEU B 591 -33.90 4.51 12.19
N PRO B 592 -35.18 4.73 12.51
CA PRO B 592 -35.49 5.68 13.59
C PRO B 592 -34.83 5.35 14.91
N PHE B 593 -34.76 4.07 15.28
CA PHE B 593 -34.15 3.73 16.56
C PHE B 593 -32.64 3.90 16.53
N ILE B 594 -32.03 3.69 15.37
CA ILE B 594 -30.61 4.02 15.21
C ILE B 594 -30.39 5.50 15.44
N LEU B 595 -31.25 6.34 14.86
CA LEU B 595 -31.10 7.77 15.03
C LEU B 595 -31.26 8.18 16.50
N VAL B 596 -32.25 7.59 17.17
CA VAL B 596 -32.47 7.91 18.58
C VAL B 596 -31.27 7.49 19.41
N PHE B 597 -30.72 6.30 19.13
CA PHE B 597 -29.54 5.88 19.86
C PHE B 597 -28.39 6.82 19.65
N PHE B 598 -28.19 7.26 18.40
CA PHE B 598 -27.08 8.16 18.11
C PHE B 598 -27.23 9.44 18.90
N ALA B 599 -28.44 10.01 18.93
CA ALA B 599 -28.64 11.25 19.69
C ALA B 599 -28.39 11.04 21.17
N LEU B 600 -28.98 9.99 21.76
CA LEU B 600 -28.85 9.79 23.20
C LEU B 600 -27.41 9.50 23.58
N ALA B 601 -26.73 8.67 22.80
CA ALA B 601 -25.33 8.41 23.06
C ALA B 601 -24.50 9.68 22.95
N TYR B 602 -24.80 10.51 21.95
CA TYR B 602 -24.07 11.77 21.81
C TYR B 602 -24.20 12.61 23.07
N ILE B 603 -25.44 12.80 23.55
CA ILE B 603 -25.61 13.67 24.70
C ILE B 603 -24.97 13.08 25.95
N VAL B 604 -25.16 11.78 26.19
CA VAL B 604 -24.62 11.20 27.42
C VAL B 604 -23.11 11.20 27.39
N TYR B 605 -22.51 10.78 26.27
CA TYR B 605 -21.06 10.76 26.18
C TYR B 605 -20.48 12.15 26.18
N ARG B 606 -21.22 13.17 25.71
CA ARG B 606 -20.72 14.52 25.84
C ARG B 606 -20.66 14.95 27.30
N HIS B 607 -21.70 14.62 28.07
CA HIS B 607 -21.65 14.91 29.50
C HIS B 607 -20.48 14.17 30.15
N GLN B 608 -20.28 12.91 29.76
CA GLN B 608 -19.18 12.13 30.30
C GLN B 608 -17.83 12.76 29.97
N ILE B 609 -17.64 13.18 28.73
CA ILE B 609 -16.38 13.81 28.35
C ILE B 609 -16.18 15.10 29.13
N ILE B 610 -17.26 15.84 29.36
CA ILE B 610 -17.16 17.12 30.06
C ILE B 610 -16.72 16.91 31.51
N ASN B 611 -17.33 15.94 32.20
CA ASN B 611 -17.21 15.91 33.65
C ASN B 611 -16.37 14.76 34.20
N VAL B 612 -16.21 13.67 33.45
CA VAL B 612 -15.47 12.49 33.89
C VAL B 612 -14.56 12.03 32.76
N TYR B 613 -13.97 10.85 32.90
CA TYR B 613 -13.26 10.16 31.82
C TYR B 613 -12.00 10.92 31.40
N ASN B 614 -11.07 11.01 32.34
CA ASN B 614 -9.72 11.42 31.99
C ASN B 614 -9.09 10.41 31.03
N GLN B 615 -8.43 10.92 30.00
CA GLN B 615 -7.82 10.05 28.99
C GLN B 615 -6.54 9.44 29.52
N GLU B 616 -6.32 8.16 29.19
CA GLU B 616 -5.06 7.52 29.52
C GLU B 616 -3.93 7.97 28.61
N TYR B 617 -4.18 8.08 27.31
CA TYR B 617 -3.15 8.42 26.35
C TYR B 617 -3.68 9.51 25.44
N GLU B 618 -2.77 10.34 24.95
CA GLU B 618 -3.14 11.44 24.06
C GLU B 618 -2.58 11.15 22.67
N SER B 619 -3.39 10.47 21.86
CA SER B 619 -3.10 10.34 20.44
C SER B 619 -3.78 11.50 19.71
N ALA B 620 -3.34 11.75 18.49
CA ALA B 620 -3.95 12.80 17.68
C ALA B 620 -4.97 12.21 16.72
N ALA B 621 -5.94 11.50 17.29
CA ALA B 621 -7.00 10.84 16.53
C ALA B 621 -6.43 9.95 15.44
N ALA B 622 -5.39 9.19 15.79
CA ALA B 622 -4.77 8.31 14.81
C ALA B 622 -5.69 7.19 14.37
N PHE B 623 -6.82 6.99 15.05
CA PHE B 623 -7.74 5.91 14.73
C PHE B 623 -8.77 6.29 13.67
N TRP B 624 -8.83 7.56 13.27
CA TRP B 624 -9.83 7.96 12.29
C TRP B 624 -9.69 7.23 10.96
N PRO B 625 -8.48 6.99 10.45
CA PRO B 625 -8.39 6.16 9.23
C PRO B 625 -9.03 4.80 9.42
N ASP B 626 -8.84 4.18 10.59
CA ASP B 626 -9.48 2.89 10.84
C ASP B 626 -11.00 3.03 10.86
N VAL B 627 -11.51 4.08 11.50
CA VAL B 627 -12.96 4.25 11.59
C VAL B 627 -13.55 4.44 10.20
N HIS B 628 -12.91 5.28 9.38
CA HIS B 628 -13.39 5.51 8.03
C HIS B 628 -13.32 4.25 7.18
N GLY B 629 -12.22 3.51 7.29
CA GLY B 629 -12.14 2.25 6.57
C GLY B 629 -13.23 1.28 6.97
N ARG B 630 -13.54 1.23 8.27
CA ARG B 630 -14.60 0.35 8.73
C ARG B 630 -15.96 0.77 8.18
N VAL B 631 -16.21 2.08 8.12
CA VAL B 631 -17.47 2.54 7.56
C VAL B 631 -17.56 2.18 6.09
N ILE B 632 -16.46 2.33 5.36
CA ILE B 632 -16.48 1.97 3.94
C ILE B 632 -16.71 0.47 3.77
N ALA B 633 -16.08 -0.34 4.62
CA ALA B 633 -16.31 -1.77 4.56
C ALA B 633 -17.76 -2.11 4.83
N ALA B 634 -18.38 -1.44 5.80
CA ALA B 634 -19.79 -1.66 6.06
C ALA B 634 -20.62 -1.28 4.83
N LEU B 635 -20.25 -0.20 4.16
CA LEU B 635 -20.98 0.22 2.97
C LEU B 635 -20.89 -0.85 1.88
N VAL B 636 -19.69 -1.40 1.68
CA VAL B 636 -19.51 -2.43 0.66
C VAL B 636 -20.33 -3.67 1.02
N ILE B 637 -20.31 -4.05 2.30
CA ILE B 637 -21.09 -5.22 2.73
C ILE B 637 -22.57 -4.97 2.48
N SER B 638 -23.04 -3.77 2.77
CA SER B 638 -24.45 -3.46 2.54
C SER B 638 -24.80 -3.57 1.07
N GLN B 639 -23.93 -3.08 0.20
CA GLN B 639 -24.18 -3.18 -1.23
C GLN B 639 -24.22 -4.64 -1.67
N LEU B 640 -23.29 -5.46 -1.17
CA LEU B 640 -23.27 -6.86 -1.58
C LEU B 640 -24.51 -7.61 -1.11
N LEU B 641 -24.94 -7.38 0.13
CA LEU B 641 -26.16 -8.02 0.61
C LEU B 641 -27.38 -7.51 -0.16
N LEU B 642 -27.40 -6.24 -0.55
CA LEU B 642 -28.49 -5.76 -1.39
C LEU B 642 -28.51 -6.51 -2.71
N MET B 643 -27.34 -6.70 -3.32
CA MET B 643 -27.28 -7.45 -4.57
C MET B 643 -27.78 -8.88 -4.36
N GLY B 644 -27.39 -9.51 -3.26
CA GLY B 644 -27.83 -10.87 -3.01
C GLY B 644 -29.33 -10.99 -2.80
N LEU B 645 -29.89 -10.09 -1.99
CA LEU B 645 -31.34 -10.12 -1.73
C LEU B 645 -32.13 -9.83 -2.99
N LEU B 646 -31.73 -8.81 -3.76
CA LEU B 646 -32.44 -8.45 -4.97
C LEU B 646 -32.19 -9.43 -6.10
N GLY B 647 -31.16 -10.26 -6.00
CA GLY B 647 -30.87 -11.23 -7.03
C GLY B 647 -31.72 -12.49 -6.96
N THR B 648 -32.59 -12.61 -5.96
CA THR B 648 -33.46 -13.77 -5.83
C THR B 648 -34.73 -13.65 -6.66
N LYS B 649 -35.30 -12.46 -6.77
CA LYS B 649 -36.53 -12.29 -7.54
C LYS B 649 -36.23 -12.40 -9.03
N HIS B 650 -37.12 -13.05 -9.76
CA HIS B 650 -36.94 -13.26 -11.20
C HIS B 650 -36.98 -11.92 -11.93
N ALA B 651 -36.25 -11.85 -13.05
CA ALA B 651 -36.17 -10.64 -13.87
C ALA B 651 -35.65 -9.46 -13.06
N ALA B 652 -34.63 -9.73 -12.24
CA ALA B 652 -34.04 -8.67 -11.42
C ALA B 652 -33.25 -7.68 -12.25
N LEU B 653 -32.21 -8.15 -12.94
CA LEU B 653 -31.36 -7.30 -13.78
C LEU B 653 -30.71 -6.17 -12.97
N ALA B 654 -30.46 -6.42 -11.69
CA ALA B 654 -29.81 -5.45 -10.83
C ALA B 654 -28.30 -5.66 -10.74
N ALA B 655 -27.80 -6.79 -11.23
CA ALA B 655 -26.36 -7.03 -11.21
C ALA B 655 -25.55 -5.97 -11.94
N PRO B 656 -25.89 -5.54 -13.16
CA PRO B 656 -25.04 -4.57 -13.85
C PRO B 656 -24.92 -3.22 -13.17
N PHE B 657 -25.62 -3.00 -12.06
CA PHE B 657 -25.48 -1.79 -11.26
C PHE B 657 -24.94 -2.07 -9.87
N LEU B 658 -25.38 -3.16 -9.25
CA LEU B 658 -24.90 -3.52 -7.92
C LEU B 658 -23.53 -4.17 -7.96
N ILE B 659 -22.99 -4.43 -9.15
CA ILE B 659 -21.58 -4.77 -9.21
C ILE B 659 -20.75 -3.53 -9.46
N ALA B 660 -21.35 -2.49 -10.06
CA ALA B 660 -20.62 -1.26 -10.29
C ALA B 660 -20.50 -0.43 -9.02
N LEU B 661 -21.53 -0.45 -8.17
CA LEU B 661 -21.46 0.32 -6.93
C LEU B 661 -20.26 -0.02 -6.06
N PRO B 662 -19.95 -1.28 -5.76
CA PRO B 662 -18.76 -1.54 -4.92
C PRO B 662 -17.48 -1.03 -5.53
N VAL B 663 -17.35 -1.08 -6.85
CA VAL B 663 -16.16 -0.53 -7.50
C VAL B 663 -16.07 0.96 -7.26
N LEU B 664 -17.20 1.67 -7.39
CA LEU B 664 -17.20 3.11 -7.14
C LEU B 664 -16.83 3.41 -5.69
N THR B 665 -17.36 2.63 -4.74
CA THR B 665 -17.04 2.86 -3.34
C THR B 665 -15.56 2.64 -3.07
N ILE B 666 -14.99 1.57 -3.60
CA ILE B 666 -13.57 1.31 -3.39
C ILE B 666 -12.73 2.41 -4.01
N GLY B 667 -13.11 2.87 -5.21
CA GLY B 667 -12.38 3.98 -5.82
C GLY B 667 -12.43 5.24 -4.98
N PHE B 668 -13.61 5.56 -4.43
CA PHE B 668 -13.72 6.72 -3.57
C PHE B 668 -12.85 6.57 -2.33
N HIS B 669 -12.82 5.37 -1.75
CA HIS B 669 -11.99 5.15 -0.58
C HIS B 669 -10.52 5.32 -0.93
N HIS B 670 -10.10 4.85 -2.10
CA HIS B 670 -8.71 5.04 -2.49
C HIS B 670 -8.38 6.50 -2.68
N PHE B 671 -9.30 7.28 -3.28
CA PHE B 671 -9.05 8.70 -3.44
C PHE B 671 -8.92 9.38 -2.09
N CYS B 672 -9.82 9.06 -1.16
CA CYS B 672 -9.73 9.67 0.17
C CYS B 672 -8.43 9.28 0.86
N LYS B 673 -8.03 8.01 0.74
CA LYS B 673 -6.74 7.58 1.25
C LYS B 673 -5.64 8.49 0.76
N GLY B 674 -5.42 8.49 -0.56
CA GLY B 674 -4.33 9.24 -1.14
C GLY B 674 -4.43 10.75 -0.94
N ARG B 675 -5.62 11.26 -0.67
CA ARG B 675 -5.79 12.70 -0.57
C ARG B 675 -5.71 13.23 0.86
N TYR B 676 -6.01 12.39 1.85
CA TYR B 676 -5.99 12.86 3.24
C TYR B 676 -5.15 12.03 4.19
N GLU B 677 -5.17 10.70 4.10
CA GLU B 677 -4.55 9.88 5.14
C GLU B 677 -3.07 10.20 5.38
N PRO B 678 -2.30 10.74 4.43
CA PRO B 678 -0.98 11.24 4.78
C PRO B 678 -0.96 12.17 5.98
N ALA B 679 -1.99 13.00 6.15
CA ALA B 679 -2.03 13.87 7.33
C ALA B 679 -2.07 13.08 8.64
N PHE B 680 -2.52 11.82 8.59
CA PHE B 680 -2.56 10.98 9.78
C PHE B 680 -1.36 10.06 9.92
N ILE B 681 -0.79 9.56 8.82
CA ILE B 681 0.27 8.57 8.90
C ILE B 681 1.65 9.12 8.60
N ARG B 682 1.77 10.41 8.28
CA ARG B 682 3.06 11.01 7.95
C ARG B 682 3.14 12.37 8.61
N TYR B 683 4.37 12.82 8.89
CA TYR B 683 4.55 14.09 9.58
C TYR B 683 5.26 15.07 8.66
N PRO B 684 4.57 16.08 8.13
CA PRO B 684 5.20 17.01 7.19
C PRO B 684 6.37 17.77 7.81
N LEU B 685 7.48 17.78 7.06
CA LEU B 685 8.70 18.38 7.56
C LEU B 685 8.58 19.89 7.73
N GLN B 686 7.80 20.56 6.88
CA GLN B 686 7.61 21.99 7.08
C GLN B 686 6.89 22.27 8.38
N GLU B 687 5.87 21.46 8.70
CA GLU B 687 5.20 21.61 9.98
C GLU B 687 6.16 21.36 11.14
N ALA B 688 6.99 20.32 11.02
CA ALA B 688 7.95 20.05 12.08
C ALA B 688 8.91 21.22 12.27
N MET B 689 9.41 21.77 11.18
CA MET B 689 10.36 22.87 11.28
C MET B 689 9.70 24.12 11.84
N MET B 690 8.45 24.39 11.43
CA MET B 690 7.74 25.55 11.96
C MET B 690 7.53 25.42 13.46
N LYS B 691 7.09 24.24 13.91
CA LYS B 691 6.91 24.00 15.33
C LYS B 691 8.23 24.21 16.07
N ASP B 692 9.31 23.66 15.54
CA ASP B 692 10.61 23.81 16.18
C ASP B 692 11.04 25.26 16.27
N THR B 693 10.87 26.01 15.18
CA THR B 693 11.29 27.40 15.18
C THR B 693 10.49 28.21 16.19
N LEU B 694 9.17 28.01 16.23
CA LEU B 694 8.36 28.74 17.20
C LEU B 694 8.77 28.40 18.62
N GLU B 695 8.99 27.10 18.90
CA GLU B 695 9.35 26.71 20.26
C GLU B 695 10.70 27.29 20.67
N THR B 696 11.69 27.24 19.77
CA THR B 696 13.00 27.73 20.14
C THR B 696 13.02 29.25 20.25
N ALA B 697 12.12 29.92 19.51
CA ALA B 697 11.97 31.36 19.69
C ALA B 697 11.34 31.67 21.04
N ARG B 698 10.31 30.90 21.43
CA ARG B 698 9.63 31.16 22.69
C ARG B 698 10.53 30.87 23.89
N GLU B 699 11.33 29.80 23.80
CA GLU B 699 12.23 29.42 24.90
C GLU B 699 13.62 29.20 24.32
N PRO B 700 14.42 30.26 24.22
CA PRO B 700 15.79 30.11 23.68
C PRO B 700 16.76 29.43 24.63
N ASN B 701 16.33 29.10 25.85
CA ASN B 701 17.20 28.50 26.86
C ASN B 701 16.60 27.22 27.41
N LEU B 702 16.15 26.35 26.52
CA LEU B 702 15.51 25.11 26.92
C LEU B 702 16.54 23.98 26.97
N ASN B 703 16.69 23.38 28.16
CA ASN B 703 17.63 22.29 28.36
C ASN B 703 16.99 20.99 27.89
N LEU B 704 17.01 20.79 26.58
CA LEU B 704 16.34 19.62 25.99
C LEU B 704 16.98 18.32 26.45
N LYS B 705 18.32 18.29 26.52
CA LYS B 705 19.00 17.06 26.93
C LYS B 705 18.64 16.68 28.36
N GLY B 706 18.63 17.66 29.26
CA GLY B 706 18.20 17.39 30.62
C GLY B 706 16.74 16.99 30.70
N TYR B 707 15.91 17.56 29.83
CA TYR B 707 14.50 17.23 29.81
C TYR B 707 14.27 15.80 29.36
N LEU B 708 15.13 15.29 28.48
CA LEU B 708 14.88 14.00 27.85
C LEU B 708 15.66 12.83 28.43
N GLN B 709 16.85 13.07 29.02
CA GLN B 709 17.70 11.96 29.41
C GLN B 709 17.06 11.09 30.49
N ASN B 710 16.42 11.72 31.48
CA ASN B 710 15.86 10.95 32.58
C ASN B 710 14.44 10.46 32.30
N ALA B 711 13.83 10.88 31.19
CA ALA B 711 12.54 10.35 30.81
C ALA B 711 12.73 9.01 30.10
N TYR B 712 11.61 8.34 29.87
CA TYR B 712 11.59 7.10 29.07
C TYR B 712 12.42 6.00 29.71
N VAL B 713 12.54 6.01 31.03
CA VAL B 713 13.43 5.05 31.67
C VAL B 713 12.65 3.79 32.02
N HIS B 714 11.73 3.91 32.96
CA HIS B 714 10.78 2.86 33.32
C HIS B 714 9.88 3.38 34.42
N PRO B 715 8.64 2.92 34.53
CA PRO B 715 7.84 3.25 35.72
C PRO B 715 8.47 2.74 37.00
N VAL B 716 9.16 1.59 36.94
CA VAL B 716 9.69 0.98 38.14
C VAL B 716 10.83 1.79 38.71
N PHE B 717 11.75 2.23 37.85
CA PHE B 717 12.93 2.96 38.30
C PHE B 717 12.59 4.45 38.49
N LYS B 718 11.40 4.68 39.02
CA LYS B 718 10.87 6.01 39.29
C LYS B 718 10.98 6.93 38.08
#